data_8CMI
#
_entry.id   8CMI
#
_cell.length_a   148.190
_cell.length_b   148.190
_cell.length_c   129.071
_cell.angle_alpha   90.000
_cell.angle_beta   90.000
_cell.angle_gamma   120.000
#
_symmetry.space_group_name_H-M   'P 32 2 1'
#
loop_
_entity.id
_entity.type
_entity.pdbx_description
1 polymer 'HLA class II histocompatibility antigen, DR alpha chain'
2 polymer 'Human leukocyte antigen DR beta chain allotype DR1 (DRB1*0101)'
3 polymer "Spike protein S2'"
4 non-polymer 1,2-ETHANEDIOL
5 non-polymer 'SULFATE ION'
6 water water
#
loop_
_entity_poly.entity_id
_entity_poly.type
_entity_poly.pdbx_seq_one_letter_code
_entity_poly.pdbx_strand_id
1 'polypeptide(L)'
;MIKEEHVIIQAEFYLNPDQSGEFMFDFDGDEIFHVDMAKKETVWRLEEFGRFASFEAQGALANIAVDKANLEIMTKRSNY
TPITNVPPEVTVLTNSPVELREPNVLICFIDKFTPPVVNVTWLRNGKPVTTGVSETVFLPREDHLFRKFHYLPFLPSTED
VYDCRVEHWGLDEPLLKHWEFDA
;
A,D,G
2 'polypeptide(L)'
;MGSMGDTRPRFLWQLKFECHFFNGTERVRLLERCIYNQEESVRFDSDVGEYRAVTELGRPDAEYWNSQKDLLEQRRAAVD
TYCRHNYGVGESFTVQRRVEPKVTVYPSKTQPLQHHNLLVCSVSGFYPGSIEVRWFRNGQEEKAGVVSTGLIQNGDWTFQ
TLVMLETVPRSGEVYTCQVEHPSVTSPLTVEWRA
;
B,E,H
3 'polypeptide(L)' TQLKRALTGIAVEQD C,F,I
#
loop_
_chem_comp.id
_chem_comp.type
_chem_comp.name
_chem_comp.formula
EDO non-polymer 1,2-ETHANEDIOL 'C2 H6 O2'
SO4 non-polymer 'SULFATE ION' 'O4 S -2'
#
# COMPACT_ATOMS: atom_id res chain seq x y z
N MET A 1 -39.10 -11.46 -15.34
CA MET A 1 -38.98 -11.90 -16.73
C MET A 1 -37.80 -12.85 -16.89
N ILE A 2 -37.52 -13.24 -18.13
CA ILE A 2 -36.44 -14.18 -18.40
C ILE A 2 -35.09 -13.51 -18.15
N LYS A 3 -34.13 -14.28 -17.67
CA LYS A 3 -32.79 -13.78 -17.43
C LYS A 3 -31.92 -14.00 -18.66
N GLU A 4 -30.94 -13.13 -18.84
CA GLU A 4 -30.07 -13.19 -20.01
C GLU A 4 -29.30 -14.50 -20.03
N GLU A 5 -28.90 -14.92 -21.23
CA GLU A 5 -28.15 -16.15 -21.40
C GLU A 5 -26.71 -15.99 -20.94
N HIS A 6 -26.24 -16.96 -20.17
CA HIS A 6 -24.84 -17.03 -19.74
C HIS A 6 -24.23 -18.32 -20.24
N VAL A 7 -22.94 -18.27 -20.56
CA VAL A 7 -22.21 -19.40 -21.12
C VAL A 7 -20.88 -19.53 -20.41
N ILE A 8 -20.60 -20.71 -19.85
CA ILE A 8 -19.30 -21.04 -19.29
C ILE A 8 -18.63 -22.03 -20.22
N ILE A 9 -17.41 -21.72 -20.63
CA ILE A 9 -16.68 -22.53 -21.61
C ILE A 9 -15.38 -23.01 -20.99
N GLN A 10 -15.18 -24.33 -21.00
CA GLN A 10 -13.89 -24.91 -20.67
C GLN A 10 -13.13 -25.09 -21.98
N ALA A 11 -12.14 -24.23 -22.22
CA ALA A 11 -11.41 -24.21 -23.48
C ALA A 11 -9.98 -24.67 -23.23
N GLU A 12 -9.58 -25.73 -23.94
CA GLU A 12 -8.24 -26.26 -23.84
C GLU A 12 -7.72 -26.56 -25.24
N PHE A 13 -6.41 -26.47 -25.41
CA PHE A 13 -5.81 -26.83 -26.68
C PHE A 13 -4.40 -27.36 -26.48
N TYR A 14 -3.93 -28.09 -27.49
CA TYR A 14 -2.55 -28.53 -27.60
C TYR A 14 -2.05 -28.29 -29.02
N LEU A 15 -0.80 -27.84 -29.13
CA LEU A 15 -0.20 -27.45 -30.40
C LEU A 15 1.18 -28.09 -30.54
N ASN A 16 1.42 -28.70 -31.71
CA ASN A 16 2.64 -29.31 -32.19
C ASN A 16 3.20 -28.54 -33.37
N PRO A 17 4.54 -28.52 -33.56
CA PRO A 17 5.55 -29.18 -32.73
C PRO A 17 5.99 -28.35 -31.53
N ASP A 18 5.28 -27.24 -31.30
CA ASP A 18 5.63 -26.37 -30.18
C ASP A 18 5.45 -27.06 -28.84
N GLN A 19 4.62 -28.10 -28.78
CA GLN A 19 4.28 -28.78 -27.53
C GLN A 19 3.69 -27.81 -26.53
N SER A 20 2.82 -26.93 -26.99
CA SER A 20 2.17 -25.94 -26.14
C SER A 20 0.78 -26.43 -25.74
N GLY A 21 0.46 -26.28 -24.46
CA GLY A 21 -0.84 -26.68 -23.97
C GLY A 21 -1.45 -25.58 -23.15
N GLU A 22 -2.78 -25.48 -23.23
CA GLU A 22 -3.48 -24.46 -22.45
C GLU A 22 -4.83 -24.99 -22.00
N PHE A 23 -5.24 -24.54 -20.82
CA PHE A 23 -6.51 -24.92 -20.19
C PHE A 23 -7.05 -23.71 -19.45
N MET A 24 -8.27 -23.29 -19.79
CA MET A 24 -8.84 -22.09 -19.19
C MET A 24 -10.35 -22.21 -19.14
N PHE A 25 -10.96 -21.39 -18.28
CA PHE A 25 -12.41 -21.24 -18.20
C PHE A 25 -12.79 -19.82 -18.58
N ASP A 26 -13.90 -19.69 -19.30
CA ASP A 26 -14.38 -18.42 -19.80
C ASP A 26 -15.83 -18.24 -19.42
N PHE A 27 -16.19 -17.04 -18.95
CA PHE A 27 -17.56 -16.69 -18.63
C PHE A 27 -17.95 -15.45 -19.42
N ASP A 28 -18.79 -15.64 -20.44
CA ASP A 28 -19.33 -14.53 -21.24
C ASP A 28 -18.22 -13.66 -21.81
N GLY A 29 -17.15 -14.30 -22.28
CA GLY A 29 -16.06 -13.60 -22.92
C GLY A 29 -14.92 -13.17 -22.00
N ASP A 30 -15.07 -13.34 -20.69
CA ASP A 30 -14.02 -13.02 -19.73
C ASP A 30 -13.43 -14.30 -19.17
N GLU A 31 -12.12 -14.30 -18.96
CA GLU A 31 -11.44 -15.46 -18.39
C GLU A 31 -11.74 -15.54 -16.90
N ILE A 32 -12.18 -16.71 -16.45
CA ILE A 32 -12.29 -16.95 -15.02
C ILE A 32 -10.92 -17.31 -14.44
N PHE A 33 -10.26 -18.29 -15.06
CA PHE A 33 -8.93 -18.70 -14.66
C PHE A 33 -8.32 -19.49 -15.82
N HIS A 34 -7.01 -19.70 -15.70
CA HIS A 34 -6.31 -20.66 -16.55
C HIS A 34 -5.40 -21.49 -15.67
N VAL A 35 -4.76 -22.49 -16.25
CA VAL A 35 -3.86 -23.37 -15.52
C VAL A 35 -2.47 -23.18 -16.09
N ASP A 36 -1.57 -22.62 -15.30
CA ASP A 36 -0.16 -22.53 -15.65
C ASP A 36 0.45 -23.93 -15.59
N MET A 37 0.90 -24.42 -16.74
CA MET A 37 1.44 -25.77 -16.82
C MET A 37 2.76 -25.85 -16.06
N ALA A 38 3.63 -24.88 -16.26
CA ALA A 38 4.76 -24.71 -15.36
C ALA A 38 4.21 -24.33 -13.99
N LYS A 39 4.88 -24.80 -12.94
CA LYS A 39 4.46 -24.57 -11.55
C LYS A 39 3.15 -25.31 -11.26
N LYS A 40 2.48 -25.79 -12.31
CA LYS A 40 1.28 -26.62 -12.22
C LYS A 40 0.23 -26.01 -11.29
N GLU A 41 -0.21 -24.78 -11.60
CA GLU A 41 -1.08 -24.11 -10.65
C GLU A 41 -2.19 -23.33 -11.34
N THR A 42 -3.31 -23.19 -10.62
CA THR A 42 -4.47 -22.45 -11.09
C THR A 42 -4.25 -20.95 -10.90
N VAL A 43 -4.24 -20.20 -12.00
CA VAL A 43 -4.07 -18.75 -11.99
C VAL A 43 -5.43 -18.12 -12.28
N TRP A 44 -6.01 -17.50 -11.26
CA TRP A 44 -7.30 -16.82 -11.41
C TRP A 44 -7.12 -15.46 -12.07
N ARG A 45 -8.00 -15.14 -13.02
CA ARG A 45 -7.90 -13.86 -13.71
C ARG A 45 -8.08 -12.70 -12.73
N LEU A 46 -9.01 -12.84 -11.79
CA LEU A 46 -9.14 -11.93 -10.67
C LEU A 46 -8.77 -12.71 -9.41
N GLU A 47 -7.80 -12.20 -8.66
CA GLU A 47 -7.32 -12.93 -7.48
C GLU A 47 -8.47 -13.23 -6.51
N GLU A 48 -9.43 -12.32 -6.40
CA GLU A 48 -10.54 -12.51 -5.45
C GLU A 48 -11.28 -13.82 -5.71
N PHE A 49 -11.33 -14.26 -6.97
CA PHE A 49 -12.02 -15.50 -7.30
C PHE A 49 -11.49 -16.67 -6.47
N GLY A 50 -10.20 -16.66 -6.15
CA GLY A 50 -9.62 -17.75 -5.38
C GLY A 50 -10.18 -17.87 -3.98
N ARG A 51 -10.81 -16.82 -3.46
CA ARG A 51 -11.41 -16.89 -2.14
C ARG A 51 -12.82 -17.46 -2.17
N PHE A 52 -13.42 -17.62 -3.36
CA PHE A 52 -14.77 -18.16 -3.49
C PHE A 52 -14.81 -19.56 -4.06
N ALA A 53 -13.83 -19.93 -4.88
CA ALA A 53 -13.83 -21.22 -5.55
C ALA A 53 -12.40 -21.72 -5.66
N SER A 54 -12.26 -22.99 -6.05
CA SER A 54 -10.96 -23.61 -6.24
C SER A 54 -11.02 -24.55 -7.43
N PHE A 55 -9.85 -24.95 -7.90
CA PHE A 55 -9.74 -25.88 -9.01
C PHE A 55 -8.41 -26.61 -8.89
N GLU A 56 -8.42 -27.92 -9.08
CA GLU A 56 -7.21 -28.72 -9.00
C GLU A 56 -6.55 -28.71 -10.39
N ALA A 57 -5.39 -28.06 -10.48
CA ALA A 57 -4.71 -27.93 -11.75
C ALA A 57 -4.22 -29.27 -12.27
N GLN A 58 -4.03 -30.26 -11.39
CA GLN A 58 -3.54 -31.57 -11.81
C GLN A 58 -4.42 -32.16 -12.89
N GLY A 59 -5.74 -32.06 -12.72
CA GLY A 59 -6.66 -32.57 -13.72
C GLY A 59 -6.46 -31.90 -15.07
N ALA A 60 -6.22 -30.58 -15.05
CA ALA A 60 -5.95 -29.89 -16.31
C ALA A 60 -4.74 -30.49 -17.00
N LEU A 61 -3.67 -30.76 -16.24
CA LEU A 61 -2.51 -31.43 -16.82
C LEU A 61 -2.93 -32.73 -17.47
N ALA A 62 -3.74 -33.52 -16.76
CA ALA A 62 -4.23 -34.77 -17.33
C ALA A 62 -4.95 -34.51 -18.64
N ASN A 63 -5.87 -33.54 -18.63
CA ASN A 63 -6.59 -33.22 -19.86
C ASN A 63 -5.63 -32.87 -20.98
N ILE A 64 -4.61 -32.05 -20.68
CA ILE A 64 -3.68 -31.64 -21.72
C ILE A 64 -2.95 -32.85 -22.27
N ALA A 65 -2.59 -33.79 -21.39
CA ALA A 65 -1.96 -35.02 -21.85
C ALA A 65 -2.84 -35.71 -22.86
N VAL A 66 -4.13 -35.88 -22.52
CA VAL A 66 -5.04 -36.53 -23.46
C VAL A 66 -5.09 -35.74 -24.75
N ASP A 67 -5.17 -34.41 -24.65
CA ASP A 67 -5.24 -33.59 -25.85
C ASP A 67 -4.02 -33.84 -26.73
N LYS A 68 -2.84 -33.91 -26.11
CA LYS A 68 -1.64 -34.17 -26.89
C LYS A 68 -1.80 -35.45 -27.69
N ALA A 69 -2.20 -36.53 -27.02
CA ALA A 69 -2.40 -37.79 -27.71
C ALA A 69 -3.39 -37.63 -28.85
N ASN A 70 -4.54 -37.02 -28.56
CA ASN A 70 -5.56 -36.88 -29.61
C ASN A 70 -5.02 -36.08 -30.77
N LEU A 71 -4.26 -35.02 -30.48
CA LEU A 71 -3.71 -34.22 -31.57
C LEU A 71 -2.88 -35.09 -32.49
N GLU A 72 -1.99 -35.89 -31.90
CA GLU A 72 -1.14 -36.75 -32.71
C GLU A 72 -1.99 -37.70 -33.55
N ILE A 73 -3.01 -38.31 -32.93
CA ILE A 73 -3.86 -39.22 -33.69
C ILE A 73 -4.48 -38.48 -34.86
N MET A 74 -5.04 -37.30 -34.58
CA MET A 74 -5.71 -36.56 -35.64
C MET A 74 -4.69 -36.11 -36.68
N THR A 75 -3.48 -35.78 -36.24
CA THR A 75 -2.44 -35.39 -37.18
C THR A 75 -2.21 -36.48 -38.21
N LYS A 76 -2.18 -37.74 -37.77
CA LYS A 76 -2.01 -38.80 -38.77
C LYS A 76 -3.29 -39.04 -39.56
N ARG A 77 -4.46 -38.88 -38.93
CA ARG A 77 -5.71 -39.18 -39.62
C ARG A 77 -5.96 -38.24 -40.79
N SER A 78 -5.62 -36.96 -40.62
CA SER A 78 -5.78 -35.96 -41.67
C SER A 78 -4.68 -36.01 -42.71
N ASN A 79 -3.89 -37.08 -42.75
CA ASN A 79 -2.71 -37.17 -43.63
C ASN A 79 -1.76 -36.01 -43.40
N TYR A 80 -1.59 -35.64 -42.13
CA TYR A 80 -0.64 -34.60 -41.74
C TYR A 80 -0.95 -33.28 -42.43
N THR A 81 -2.23 -32.92 -42.42
CA THR A 81 -2.68 -31.66 -42.98
C THR A 81 -2.41 -30.54 -41.97
N PRO A 82 -1.62 -29.54 -42.32
CA PRO A 82 -1.28 -28.49 -41.36
C PRO A 82 -2.36 -27.42 -41.28
N ILE A 83 -2.28 -26.62 -40.23
CA ILE A 83 -3.19 -25.50 -40.05
C ILE A 83 -2.82 -24.38 -41.00
N THR A 84 -3.82 -23.61 -41.40
CA THR A 84 -3.61 -22.44 -42.25
C THR A 84 -3.40 -21.22 -41.37
N ASN A 85 -2.26 -20.53 -41.55
CA ASN A 85 -1.99 -19.34 -40.77
C ASN A 85 -3.03 -18.27 -41.05
N VAL A 86 -3.60 -17.72 -39.98
CA VAL A 86 -4.57 -16.62 -40.09
C VAL A 86 -3.99 -15.42 -39.37
N PRO A 87 -3.65 -14.34 -40.09
CA PRO A 87 -3.00 -13.21 -39.43
C PRO A 87 -3.98 -12.46 -38.56
N PRO A 88 -3.52 -11.82 -37.49
CA PRO A 88 -4.41 -11.12 -36.57
C PRO A 88 -4.63 -9.66 -36.96
N GLU A 89 -5.72 -9.11 -36.44
CA GLU A 89 -5.91 -7.67 -36.42
C GLU A 89 -5.54 -7.16 -35.02
N VAL A 90 -4.84 -6.02 -34.99
CA VAL A 90 -4.27 -5.49 -33.76
C VAL A 90 -4.87 -4.12 -33.50
N THR A 91 -5.33 -3.91 -32.27
CA THR A 91 -5.93 -2.64 -31.86
C THR A 91 -5.27 -2.16 -30.57
N VAL A 92 -4.84 -0.90 -30.55
CA VAL A 92 -4.30 -0.29 -29.34
C VAL A 92 -5.35 0.63 -28.74
N LEU A 93 -5.57 0.49 -27.43
CA LEU A 93 -6.60 1.25 -26.73
C LEU A 93 -6.09 1.56 -25.33
N THR A 94 -6.86 2.36 -24.59
CA THR A 94 -6.52 2.70 -23.22
C THR A 94 -7.58 2.17 -22.26
N ASN A 95 -7.14 1.86 -21.04
CA ASN A 95 -8.05 1.36 -20.01
C ASN A 95 -9.15 2.37 -19.70
N SER A 96 -8.82 3.66 -19.77
CA SER A 96 -9.77 4.72 -19.47
C SER A 96 -9.39 5.93 -20.31
N PRO A 97 -10.23 6.97 -20.31
CA PRO A 97 -9.81 8.24 -20.93
C PRO A 97 -8.46 8.70 -20.40
N VAL A 98 -7.66 9.26 -21.29
CA VAL A 98 -6.30 9.65 -20.97
C VAL A 98 -6.27 11.05 -20.39
N GLU A 99 -5.52 11.21 -19.30
CA GLU A 99 -5.24 12.52 -18.71
C GLU A 99 -3.76 12.61 -18.39
N LEU A 100 -3.19 13.79 -18.65
CA LEU A 100 -1.76 13.99 -18.44
C LEU A 100 -1.39 13.71 -16.99
N ARG A 101 -0.26 13.03 -16.80
CA ARG A 101 0.30 12.67 -15.50
C ARG A 101 -0.62 11.77 -14.69
N GLU A 102 -1.67 11.21 -15.30
CA GLU A 102 -2.58 10.32 -14.60
C GLU A 102 -2.35 8.90 -15.07
N PRO A 103 -1.92 7.99 -14.19
CA PRO A 103 -1.48 6.66 -14.65
C PRO A 103 -2.55 5.93 -15.43
N ASN A 104 -2.13 5.17 -16.44
CA ASN A 104 -3.07 4.45 -17.28
C ASN A 104 -2.37 3.21 -17.81
N VAL A 105 -3.13 2.40 -18.56
CA VAL A 105 -2.61 1.17 -19.15
C VAL A 105 -2.92 1.20 -20.64
N LEU A 106 -1.89 0.98 -21.46
CA LEU A 106 -2.08 0.75 -22.88
C LEU A 106 -2.37 -0.73 -23.11
N ILE A 107 -3.45 -1.02 -23.82
CA ILE A 107 -3.89 -2.37 -24.10
C ILE A 107 -3.68 -2.62 -25.60
N CYS A 108 -2.91 -3.65 -25.91
CA CYS A 108 -2.74 -4.13 -27.27
C CYS A 108 -3.57 -5.40 -27.40
N PHE A 109 -4.64 -5.33 -28.18
CA PHE A 109 -5.58 -6.41 -28.36
C PHE A 109 -5.28 -7.06 -29.71
N ILE A 110 -4.83 -8.31 -29.65
CA ILE A 110 -4.54 -9.12 -30.84
C ILE A 110 -5.71 -10.06 -31.04
N ASP A 111 -6.28 -10.08 -32.25
CA ASP A 111 -7.57 -10.70 -32.44
C ASP A 111 -7.60 -11.49 -33.74
N LYS A 112 -8.38 -12.58 -33.74
CA LYS A 112 -8.74 -13.31 -34.95
C LYS A 112 -7.52 -13.91 -35.64
N PHE A 113 -6.79 -14.74 -34.89
CA PHE A 113 -5.57 -15.35 -35.42
C PHE A 113 -5.49 -16.81 -34.99
N THR A 114 -4.70 -17.57 -35.76
CA THR A 114 -4.35 -18.94 -35.46
C THR A 114 -3.16 -19.32 -36.32
N PRO A 115 -2.24 -20.18 -35.83
CA PRO A 115 -2.19 -20.84 -34.52
C PRO A 115 -1.91 -19.89 -33.36
N PRO A 116 -2.18 -20.33 -32.12
CA PRO A 116 -1.96 -19.45 -30.95
C PRO A 116 -0.48 -19.32 -30.60
N VAL A 117 0.27 -18.69 -31.50
CA VAL A 117 1.66 -18.34 -31.28
C VAL A 117 1.86 -16.94 -31.83
N VAL A 118 2.27 -16.00 -30.96
CA VAL A 118 2.41 -14.60 -31.35
C VAL A 118 3.60 -14.01 -30.60
N ASN A 119 4.21 -12.98 -31.19
CA ASN A 119 5.32 -12.26 -30.57
C ASN A 119 4.95 -10.79 -30.46
N VAL A 120 4.78 -10.30 -29.24
CA VAL A 120 4.31 -8.94 -29.00
C VAL A 120 5.40 -8.15 -28.28
N THR A 121 5.69 -6.96 -28.78
CA THR A 121 6.69 -6.07 -28.21
C THR A 121 6.10 -4.67 -28.09
N TRP A 122 6.29 -4.04 -26.93
CA TRP A 122 5.95 -2.64 -26.77
C TRP A 122 7.14 -1.76 -27.12
N LEU A 123 6.88 -0.65 -27.80
CA LEU A 123 7.89 0.30 -28.21
C LEU A 123 7.52 1.67 -27.66
N ARG A 124 8.27 2.14 -26.67
CA ARG A 124 8.12 3.50 -26.16
C ARG A 124 9.19 4.37 -26.80
N ASN A 125 8.75 5.36 -27.59
CA ASN A 125 9.66 6.24 -28.32
C ASN A 125 10.61 5.44 -29.21
N GLY A 126 10.14 4.32 -29.75
CA GLY A 126 10.95 3.47 -30.59
C GLY A 126 11.75 2.43 -29.84
N LYS A 127 11.96 2.60 -28.55
CA LYS A 127 12.79 1.67 -27.81
C LYS A 127 11.93 0.55 -27.21
N PRO A 128 12.41 -0.69 -27.28
CA PRO A 128 11.63 -1.83 -26.77
C PRO A 128 11.51 -1.80 -25.25
N VAL A 129 10.35 -2.25 -24.78
CA VAL A 129 10.04 -2.33 -23.35
C VAL A 129 10.05 -3.82 -22.98
N THR A 130 10.84 -4.16 -21.96
CA THR A 130 11.04 -5.56 -21.59
C THR A 130 10.55 -5.94 -20.20
N THR A 131 10.33 -4.97 -19.30
CA THR A 131 9.81 -5.27 -17.98
C THR A 131 8.60 -4.40 -17.68
N GLY A 132 7.82 -4.83 -16.68
CA GLY A 132 6.62 -4.14 -16.26
C GLY A 132 5.40 -4.37 -17.12
N VAL A 133 5.54 -5.08 -18.22
CA VAL A 133 4.44 -5.43 -19.13
C VAL A 133 3.76 -6.69 -18.63
N SER A 134 2.49 -6.86 -18.97
CA SER A 134 1.75 -8.08 -18.62
C SER A 134 0.98 -8.58 -19.83
N GLU A 135 0.50 -9.82 -19.74
CA GLU A 135 -0.23 -10.40 -20.85
C GLU A 135 -1.18 -11.48 -20.34
N THR A 136 -2.16 -11.80 -21.17
CA THR A 136 -3.09 -12.89 -20.90
C THR A 136 -2.71 -14.10 -21.76
N VAL A 137 -3.31 -15.24 -21.42
CA VAL A 137 -3.16 -16.44 -22.22
C VAL A 137 -3.96 -16.28 -23.51
N PHE A 138 -3.91 -17.29 -24.38
CA PHE A 138 -4.69 -17.26 -25.61
C PHE A 138 -6.15 -17.58 -25.29
N LEU A 139 -7.04 -16.63 -25.56
CA LEU A 139 -8.46 -16.63 -25.25
C LEU A 139 -9.28 -17.16 -26.43
N PRO A 140 -10.36 -17.91 -26.16
CA PRO A 140 -11.09 -18.57 -27.23
C PRO A 140 -12.06 -17.64 -27.95
N ARG A 141 -12.38 -18.02 -29.20
CA ARG A 141 -13.36 -17.34 -30.03
C ARG A 141 -14.37 -18.34 -30.56
N GLU A 142 -15.55 -17.83 -30.92
CA GLU A 142 -16.59 -18.71 -31.44
C GLU A 142 -16.22 -19.28 -32.82
N ASP A 143 -15.41 -18.57 -33.59
CA ASP A 143 -14.89 -19.09 -34.85
C ASP A 143 -13.61 -19.88 -34.67
N HIS A 144 -13.28 -20.25 -33.43
CA HIS A 144 -12.13 -21.07 -33.07
C HIS A 144 -10.79 -20.40 -33.36
N LEU A 145 -10.81 -19.09 -33.65
CA LEU A 145 -9.59 -18.29 -33.68
C LEU A 145 -9.23 -17.91 -32.24
N PHE A 146 -8.31 -16.97 -32.07
CA PHE A 146 -7.83 -16.64 -30.74
C PHE A 146 -7.78 -15.13 -30.53
N ARG A 147 -7.81 -14.76 -29.25
CA ARG A 147 -7.65 -13.39 -28.78
C ARG A 147 -6.51 -13.35 -27.76
N LYS A 148 -5.97 -12.14 -27.58
CA LYS A 148 -4.88 -11.93 -26.63
C LYS A 148 -4.83 -10.46 -26.24
N PHE A 149 -4.49 -10.22 -24.97
CA PHE A 149 -4.35 -8.87 -24.43
C PHE A 149 -2.93 -8.68 -23.91
N HIS A 150 -2.32 -7.54 -24.24
CA HIS A 150 -1.05 -7.13 -23.67
C HIS A 150 -1.21 -5.77 -23.02
N TYR A 151 -0.60 -5.59 -21.85
CA TYR A 151 -0.81 -4.41 -21.03
C TYR A 151 0.52 -3.74 -20.70
N LEU A 152 0.54 -2.42 -20.83
CA LEU A 152 1.71 -1.60 -20.53
C LEU A 152 1.31 -0.41 -19.66
N PRO A 153 1.73 -0.35 -18.40
CA PRO A 153 1.44 0.84 -17.58
C PRO A 153 2.27 2.03 -18.03
N PHE A 154 1.68 3.23 -17.94
CA PHE A 154 2.40 4.41 -18.39
C PHE A 154 1.81 5.68 -17.80
N LEU A 155 2.64 6.72 -17.79
CA LEU A 155 2.22 8.08 -17.46
C LEU A 155 2.02 8.86 -18.75
N PRO A 156 0.80 9.29 -19.05
CA PRO A 156 0.54 9.97 -20.32
C PRO A 156 1.31 11.28 -20.46
N SER A 157 1.76 11.54 -21.68
CA SER A 157 2.48 12.77 -22.00
C SER A 157 2.31 13.05 -23.48
N THR A 158 2.43 14.33 -23.85
CA THR A 158 2.33 14.71 -25.25
C THR A 158 3.61 14.45 -26.03
N GLU A 159 4.71 14.14 -25.34
CA GLU A 159 5.99 13.93 -25.99
C GLU A 159 6.25 12.49 -26.39
N ASP A 160 5.68 11.53 -25.65
CA ASP A 160 6.00 10.13 -25.86
C ASP A 160 5.06 9.52 -26.90
N VAL A 161 5.60 8.58 -27.67
CA VAL A 161 4.84 7.84 -28.67
C VAL A 161 4.99 6.36 -28.38
N TYR A 162 3.95 5.59 -28.72
CA TYR A 162 3.94 4.17 -28.40
C TYR A 162 3.59 3.35 -29.63
N ASP A 163 4.10 2.12 -29.67
CA ASP A 163 3.82 1.18 -30.73
C ASP A 163 3.68 -0.21 -30.16
N CYS A 164 2.75 -0.98 -30.72
CA CYS A 164 2.64 -2.41 -30.47
C CYS A 164 3.11 -3.14 -31.71
N ARG A 165 4.14 -3.97 -31.57
CA ARG A 165 4.72 -4.71 -32.68
C ARG A 165 4.32 -6.17 -32.50
N VAL A 166 3.58 -6.69 -33.48
CA VAL A 166 3.00 -8.03 -33.41
C VAL A 166 3.57 -8.85 -34.58
N GLU A 167 4.16 -9.99 -34.26
CA GLU A 167 4.69 -10.90 -35.25
C GLU A 167 3.91 -12.21 -35.20
N HIS A 168 3.51 -12.69 -36.38
CA HIS A 168 2.75 -13.91 -36.52
C HIS A 168 3.06 -14.51 -37.88
N TRP A 169 3.02 -15.84 -37.97
CA TRP A 169 3.39 -16.51 -39.21
C TRP A 169 2.48 -16.14 -40.37
N GLY A 170 1.25 -15.71 -40.09
CA GLY A 170 0.35 -15.26 -41.14
C GLY A 170 0.59 -13.87 -41.66
N LEU A 171 1.48 -13.12 -41.02
CA LEU A 171 1.78 -11.75 -41.41
C LEU A 171 2.95 -11.72 -42.39
N ASP A 172 2.82 -10.89 -43.43
CA ASP A 172 3.94 -10.70 -44.35
C ASP A 172 5.10 -10.00 -43.66
N GLU A 173 4.81 -9.10 -42.74
CA GLU A 173 5.81 -8.34 -42.02
C GLU A 173 5.31 -8.11 -40.61
N PRO A 174 6.19 -7.78 -39.66
CA PRO A 174 5.73 -7.37 -38.34
C PRO A 174 4.76 -6.21 -38.45
N LEU A 175 3.69 -6.28 -37.64
CA LEU A 175 2.60 -5.30 -37.68
C LEU A 175 2.80 -4.29 -36.56
N LEU A 176 2.92 -3.01 -36.93
CA LEU A 176 3.05 -1.93 -35.97
C LEU A 176 1.74 -1.20 -35.83
N LYS A 177 1.32 -0.96 -34.59
CA LYS A 177 0.13 -0.19 -34.28
C LYS A 177 0.51 0.97 -33.38
N HIS A 178 0.23 2.18 -33.81
CA HIS A 178 0.74 3.41 -33.21
C HIS A 178 -0.28 4.00 -32.24
N TRP A 179 0.21 4.73 -31.26
CA TRP A 179 -0.65 5.45 -30.32
C TRP A 179 0.08 6.68 -29.78
N GLU A 180 -0.66 7.78 -29.65
CA GLU A 180 -0.12 9.02 -29.11
C GLU A 180 -1.21 9.79 -28.38
N PHE A 181 -0.82 10.51 -27.34
CA PHE A 181 -1.69 11.50 -26.71
C PHE A 181 -1.43 12.86 -27.34
N ASP A 182 -2.41 13.41 -28.04
CA ASP A 182 -2.26 14.76 -28.61
C ASP A 182 -3.37 15.67 -28.10
N ALA A 183 -3.07 16.46 -27.08
CA ALA A 183 -3.99 17.49 -26.58
C ALA A 183 -5.37 16.94 -26.25
N MET B 4 8.57 -15.89 -37.92
CA MET B 4 9.77 -16.54 -37.44
C MET B 4 10.27 -17.56 -38.47
N GLY B 5 11.56 -17.91 -38.40
CA GLY B 5 12.11 -18.86 -39.36
C GLY B 5 11.70 -20.30 -39.15
N ASP B 6 10.94 -20.59 -38.09
CA ASP B 6 10.38 -21.92 -37.87
C ASP B 6 9.20 -22.07 -38.82
N THR B 7 9.47 -22.62 -40.00
CA THR B 7 8.46 -22.83 -41.02
C THR B 7 7.84 -24.21 -40.94
N ARG B 8 8.18 -24.99 -39.92
CA ARG B 8 7.67 -26.34 -39.76
C ARG B 8 6.15 -26.28 -39.58
N PRO B 9 5.42 -27.28 -40.09
CA PRO B 9 3.96 -27.22 -40.04
C PRO B 9 3.44 -27.30 -38.61
N ARG B 10 2.32 -26.65 -38.37
CA ARG B 10 1.67 -26.65 -37.08
C ARG B 10 0.40 -27.48 -37.13
N PHE B 11 0.11 -28.17 -36.03
CA PHE B 11 -1.08 -28.99 -35.90
C PHE B 11 -1.73 -28.68 -34.57
N LEU B 12 -3.01 -28.28 -34.62
CA LEU B 12 -3.71 -27.78 -33.45
C LEU B 12 -4.90 -28.67 -33.14
N TRP B 13 -5.13 -28.89 -31.84
CA TRP B 13 -6.27 -29.65 -31.35
C TRP B 13 -6.91 -28.89 -30.22
N GLN B 14 -8.16 -28.47 -30.40
CA GLN B 14 -8.92 -27.75 -29.39
C GLN B 14 -10.09 -28.59 -28.92
N LEU B 15 -10.42 -28.45 -27.65
CA LEU B 15 -11.57 -29.10 -27.05
C LEU B 15 -12.30 -28.07 -26.21
N LYS B 16 -13.57 -27.84 -26.52
CA LYS B 16 -14.36 -26.81 -25.84
C LYS B 16 -15.60 -27.44 -25.22
N PHE B 17 -15.79 -27.22 -23.93
CA PHE B 17 -17.00 -27.61 -23.22
C PHE B 17 -17.80 -26.35 -22.92
N GLU B 18 -18.91 -26.17 -23.65
CA GLU B 18 -19.76 -25.00 -23.49
C GLU B 18 -20.97 -25.38 -22.66
N CYS B 19 -21.21 -24.64 -21.58
CA CYS B 19 -22.41 -24.78 -20.77
C CYS B 19 -23.27 -23.55 -21.00
N HIS B 20 -24.36 -23.73 -21.75
CA HIS B 20 -25.30 -22.65 -22.03
C HIS B 20 -26.43 -22.70 -21.00
N PHE B 21 -26.62 -21.60 -20.29
CA PHE B 21 -27.65 -21.48 -19.25
C PHE B 21 -28.70 -20.50 -19.73
N PHE B 22 -29.95 -20.95 -19.74
CA PHE B 22 -31.09 -20.14 -20.18
C PHE B 22 -32.04 -19.96 -19.01
N ASN B 23 -32.35 -18.69 -18.71
CA ASN B 23 -33.17 -18.29 -17.57
C ASN B 23 -32.62 -18.90 -16.28
N GLY B 24 -31.41 -18.47 -15.94
CA GLY B 24 -30.73 -19.10 -14.82
C GLY B 24 -30.42 -20.53 -15.20
N THR B 25 -30.84 -21.48 -14.37
CA THR B 25 -30.66 -22.90 -14.63
C THR B 25 -31.94 -23.57 -15.12
N GLU B 26 -32.89 -22.80 -15.67
CA GLU B 26 -34.11 -23.42 -16.18
C GLU B 26 -33.80 -24.37 -17.33
N ARG B 27 -33.04 -23.91 -18.32
CA ARG B 27 -32.64 -24.76 -19.43
C ARG B 27 -31.12 -24.78 -19.52
N VAL B 28 -30.52 -25.97 -19.52
CA VAL B 28 -29.07 -26.09 -19.58
C VAL B 28 -28.72 -26.97 -20.78
N ARG B 29 -27.74 -26.54 -21.56
CA ARG B 29 -27.29 -27.25 -22.74
C ARG B 29 -25.77 -27.40 -22.72
N LEU B 30 -25.30 -28.63 -22.86
CA LEU B 30 -23.87 -28.90 -22.92
C LEU B 30 -23.46 -29.14 -24.37
N LEU B 31 -22.33 -28.53 -24.76
CA LEU B 31 -21.77 -28.71 -26.10
C LEU B 31 -20.30 -29.04 -25.96
N GLU B 32 -19.94 -30.29 -26.23
CA GLU B 32 -18.55 -30.70 -26.32
C GLU B 32 -18.13 -30.64 -27.77
N ARG B 33 -17.11 -29.85 -28.07
CA ARG B 33 -16.70 -29.60 -29.44
C ARG B 33 -15.22 -29.95 -29.59
N CYS B 34 -14.92 -30.82 -30.55
CA CYS B 34 -13.55 -31.16 -30.89
C CYS B 34 -13.20 -30.47 -32.20
N ILE B 35 -12.08 -29.75 -32.20
CA ILE B 35 -11.67 -28.93 -33.33
C ILE B 35 -10.26 -29.31 -33.73
N TYR B 36 -10.07 -29.66 -35.01
CA TYR B 36 -8.75 -29.92 -35.56
C TYR B 36 -8.41 -28.75 -36.47
N ASN B 37 -7.28 -28.11 -36.18
CA ASN B 37 -6.87 -26.86 -36.84
C ASN B 37 -7.99 -25.86 -36.57
N GLN B 38 -8.66 -25.32 -37.58
CA GLN B 38 -9.75 -24.37 -37.39
C GLN B 38 -11.07 -24.96 -37.86
N GLU B 39 -11.27 -26.25 -37.63
CA GLU B 39 -12.48 -26.93 -38.11
C GLU B 39 -13.02 -27.85 -37.03
N GLU B 40 -14.30 -27.68 -36.68
CA GLU B 40 -14.95 -28.59 -35.75
C GLU B 40 -15.20 -29.92 -36.44
N SER B 41 -14.76 -31.01 -35.83
CA SER B 41 -14.85 -32.34 -36.43
C SER B 41 -15.91 -33.24 -35.81
N VAL B 42 -16.18 -33.10 -34.51
CA VAL B 42 -17.16 -33.93 -33.83
C VAL B 42 -17.68 -33.17 -32.62
N ARG B 43 -18.94 -33.42 -32.27
CA ARG B 43 -19.51 -32.72 -31.13
C ARG B 43 -20.52 -33.60 -30.42
N PHE B 44 -20.58 -33.43 -29.11
CA PHE B 44 -21.66 -33.96 -28.29
C PHE B 44 -22.59 -32.81 -27.92
N ASP B 45 -23.85 -32.94 -28.28
CA ASP B 45 -24.88 -31.96 -27.97
C ASP B 45 -25.89 -32.61 -27.04
N SER B 46 -26.02 -32.05 -25.83
CA SER B 46 -26.94 -32.64 -24.85
C SER B 46 -28.37 -32.64 -25.36
N ASP B 47 -28.74 -31.67 -26.18
CA ASP B 47 -30.07 -31.69 -26.81
C ASP B 47 -30.21 -32.83 -27.80
N VAL B 48 -29.10 -33.37 -28.30
CA VAL B 48 -29.15 -34.55 -29.16
C VAL B 48 -28.99 -35.84 -28.37
N GLY B 49 -28.10 -35.85 -27.39
CA GLY B 49 -27.92 -37.00 -26.53
C GLY B 49 -26.84 -37.96 -26.95
N GLU B 50 -26.13 -37.69 -28.05
CA GLU B 50 -25.07 -38.56 -28.51
C GLU B 50 -24.10 -37.74 -29.35
N TYR B 51 -22.96 -38.36 -29.67
CA TYR B 51 -21.96 -37.72 -30.50
C TYR B 51 -22.39 -37.71 -31.96
N ARG B 52 -22.01 -36.65 -32.66
CA ARG B 52 -22.34 -36.46 -34.06
C ARG B 52 -21.13 -35.87 -34.78
N ALA B 53 -20.85 -36.40 -35.96
CA ALA B 53 -19.75 -35.91 -36.77
C ALA B 53 -20.12 -34.58 -37.42
N VAL B 54 -19.24 -33.60 -37.29
CA VAL B 54 -19.43 -32.32 -37.97
C VAL B 54 -18.77 -32.34 -39.35
N THR B 55 -17.58 -32.94 -39.43
CA THR B 55 -16.92 -33.22 -40.70
C THR B 55 -16.65 -34.72 -40.76
N GLU B 56 -16.34 -35.20 -41.97
CA GLU B 56 -16.05 -36.61 -42.12
C GLU B 56 -14.85 -37.02 -41.29
N LEU B 57 -13.89 -36.09 -41.10
CA LEU B 57 -12.70 -36.35 -40.30
C LEU B 57 -13.02 -36.85 -38.91
N GLY B 58 -14.16 -36.46 -38.36
CA GLY B 58 -14.56 -36.86 -37.03
C GLY B 58 -15.51 -38.02 -36.97
N ARG B 59 -15.90 -38.58 -38.11
CA ARG B 59 -16.85 -39.69 -38.09
C ARG B 59 -16.36 -40.91 -37.30
N PRO B 60 -15.09 -41.32 -37.37
CA PRO B 60 -14.68 -42.46 -36.54
C PRO B 60 -14.88 -42.24 -35.05
N ASP B 61 -14.46 -41.08 -34.54
CA ASP B 61 -14.59 -40.79 -33.11
C ASP B 61 -16.04 -40.85 -32.69
N ALA B 62 -16.92 -40.20 -33.46
CA ALA B 62 -18.35 -40.23 -33.15
C ALA B 62 -18.86 -41.66 -33.07
N GLU B 63 -18.39 -42.53 -33.97
CA GLU B 63 -18.81 -43.93 -33.91
C GLU B 63 -18.21 -44.62 -32.69
N TYR B 64 -16.93 -44.36 -32.40
CA TYR B 64 -16.28 -45.03 -31.28
C TYR B 64 -16.87 -44.59 -29.95
N TRP B 65 -17.05 -43.28 -29.76
CA TRP B 65 -17.55 -42.77 -28.49
C TRP B 65 -19.01 -43.13 -28.26
N ASN B 66 -19.81 -43.22 -29.33
CA ASN B 66 -21.20 -43.64 -29.17
C ASN B 66 -21.32 -45.10 -28.76
N SER B 67 -20.30 -45.92 -29.05
CA SER B 67 -20.31 -47.31 -28.62
C SER B 67 -20.03 -47.48 -27.13
N GLN B 68 -19.66 -46.41 -26.43
CA GLN B 68 -19.34 -46.48 -25.00
C GLN B 68 -20.53 -45.92 -24.22
N LYS B 69 -21.34 -46.82 -23.66
CA LYS B 69 -22.55 -46.38 -22.97
C LYS B 69 -22.23 -45.68 -21.66
N ASP B 70 -21.14 -46.08 -20.98
CA ASP B 70 -20.71 -45.35 -19.78
C ASP B 70 -20.46 -43.88 -20.12
N LEU B 71 -19.70 -43.64 -21.19
CA LEU B 71 -19.40 -42.28 -21.61
C LEU B 71 -20.67 -41.53 -21.99
N LEU B 72 -21.59 -42.19 -22.71
CA LEU B 72 -22.82 -41.52 -23.12
C LEU B 72 -23.68 -41.13 -21.92
N GLU B 73 -23.83 -42.05 -20.96
CA GLU B 73 -24.62 -41.72 -19.77
C GLU B 73 -23.98 -40.60 -18.96
N GLN B 74 -22.65 -40.63 -18.82
CA GLN B 74 -21.98 -39.58 -18.06
C GLN B 74 -22.10 -38.23 -18.75
N ARG B 75 -22.01 -38.23 -20.09
CA ARG B 75 -22.14 -36.96 -20.83
C ARG B 75 -23.57 -36.44 -20.79
N ARG B 76 -24.56 -37.34 -20.81
CA ARG B 76 -25.94 -36.89 -20.69
C ARG B 76 -26.19 -36.31 -19.30
N ALA B 77 -25.61 -36.89 -18.26
CA ALA B 77 -25.74 -36.36 -16.92
C ALA B 77 -24.86 -35.14 -16.67
N ALA B 78 -23.92 -34.84 -17.56
CA ALA B 78 -23.03 -33.71 -17.37
C ALA B 78 -23.77 -32.38 -17.28
N VAL B 79 -24.99 -32.29 -17.84
CA VAL B 79 -25.75 -31.05 -17.71
C VAL B 79 -26.06 -30.76 -16.25
N ASP B 80 -26.11 -31.80 -15.41
CA ASP B 80 -26.31 -31.66 -13.98
C ASP B 80 -25.00 -31.71 -13.20
N THR B 81 -24.20 -32.75 -13.43
CA THR B 81 -22.98 -32.96 -12.64
C THR B 81 -21.88 -31.97 -12.97
N TYR B 82 -21.93 -31.34 -14.14
CA TYR B 82 -20.85 -30.46 -14.59
C TYR B 82 -21.34 -29.03 -14.77
N CYS B 83 -22.30 -28.79 -15.66
CA CYS B 83 -22.73 -27.42 -15.94
C CYS B 83 -23.41 -26.80 -14.73
N ARG B 84 -24.46 -27.44 -14.20
CA ARG B 84 -25.18 -26.86 -13.07
C ARG B 84 -24.29 -26.79 -11.83
N HIS B 85 -23.40 -27.75 -11.63
CA HIS B 85 -22.47 -27.69 -10.50
C HIS B 85 -21.61 -26.44 -10.58
N ASN B 86 -20.96 -26.23 -11.72
CA ASN B 86 -20.10 -25.05 -11.87
C ASN B 86 -20.90 -23.76 -11.81
N TYR B 87 -22.13 -23.76 -12.33
CA TYR B 87 -22.98 -22.59 -12.20
C TYR B 87 -23.21 -22.26 -10.73
N GLY B 88 -23.58 -23.26 -9.94
CA GLY B 88 -23.78 -23.02 -8.52
C GLY B 88 -22.52 -22.53 -7.83
N VAL B 89 -21.37 -23.05 -8.25
CA VAL B 89 -20.11 -22.66 -7.62
C VAL B 89 -19.76 -21.21 -7.94
N GLY B 90 -19.92 -20.81 -9.21
CA GLY B 90 -19.46 -19.51 -9.66
C GLY B 90 -20.51 -18.42 -9.80
N GLU B 91 -21.76 -18.67 -9.42
CA GLU B 91 -22.81 -17.68 -9.62
C GLU B 91 -22.53 -16.39 -8.85
N SER B 92 -21.95 -16.51 -7.64
CA SER B 92 -21.82 -15.34 -6.78
C SER B 92 -20.87 -14.28 -7.36
N PHE B 93 -19.82 -14.69 -8.06
CA PHE B 93 -18.83 -13.76 -8.57
C PHE B 93 -18.83 -13.66 -10.09
N THR B 94 -19.84 -14.22 -10.77
CA THR B 94 -19.96 -14.07 -12.20
C THR B 94 -21.34 -13.54 -12.56
N VAL B 95 -22.36 -14.40 -12.44
CA VAL B 95 -23.72 -14.00 -12.78
C VAL B 95 -24.18 -12.84 -11.90
N GLN B 96 -23.79 -12.86 -10.63
CA GLN B 96 -24.19 -11.84 -9.67
C GLN B 96 -23.12 -10.75 -9.49
N ARG B 97 -22.14 -10.69 -10.39
CA ARG B 97 -21.10 -9.68 -10.27
C ARG B 97 -21.65 -8.30 -10.63
N ARG B 98 -21.46 -7.34 -9.73
CA ARG B 98 -21.92 -5.98 -9.93
C ARG B 98 -20.78 -5.04 -9.56
N VAL B 99 -20.33 -4.24 -10.53
CA VAL B 99 -19.29 -3.25 -10.32
C VAL B 99 -19.82 -1.91 -10.77
N GLU B 100 -19.78 -0.94 -9.89
CA GLU B 100 -20.33 0.37 -10.17
C GLU B 100 -19.41 1.13 -11.12
N PRO B 101 -19.96 1.82 -12.12
CA PRO B 101 -19.11 2.52 -13.08
C PRO B 101 -18.64 3.87 -12.57
N LYS B 102 -17.39 4.19 -12.89
CA LYS B 102 -16.88 5.54 -12.71
C LYS B 102 -17.32 6.39 -13.88
N VAL B 103 -17.96 7.52 -13.58
CA VAL B 103 -18.56 8.39 -14.58
C VAL B 103 -17.92 9.76 -14.48
N THR B 104 -17.41 10.26 -15.61
CA THR B 104 -16.87 11.60 -15.66
C THR B 104 -17.47 12.33 -16.86
N VAL B 105 -17.51 13.66 -16.78
CA VAL B 105 -18.02 14.49 -17.85
C VAL B 105 -17.01 15.59 -18.14
N TYR B 106 -16.72 15.81 -19.43
CA TYR B 106 -15.76 16.83 -19.79
C TYR B 106 -16.05 17.36 -21.18
N PRO B 107 -15.70 18.61 -21.47
CA PRO B 107 -15.83 19.12 -22.83
C PRO B 107 -14.68 18.66 -23.70
N SER B 108 -14.97 18.48 -24.98
CA SER B 108 -13.97 17.98 -25.92
C SER B 108 -14.28 18.55 -27.30
N LYS B 109 -13.51 18.10 -28.29
CA LYS B 109 -13.61 18.60 -29.65
C LYS B 109 -13.67 17.43 -30.63
N THR B 110 -14.29 17.68 -31.78
CA THR B 110 -14.34 16.66 -32.83
C THR B 110 -13.05 16.65 -33.66
N GLN B 111 -12.39 17.79 -33.74
CA GLN B 111 -11.15 17.97 -34.49
C GLN B 111 -10.39 19.13 -33.86
N PRO B 112 -9.08 19.26 -34.16
CA PRO B 112 -8.34 20.45 -33.68
C PRO B 112 -9.05 21.74 -34.06
N LEU B 113 -9.44 22.52 -33.06
CA LEU B 113 -10.37 23.60 -33.25
C LEU B 113 -10.41 24.41 -31.95
N GLN B 114 -10.83 25.67 -32.06
CA GLN B 114 -10.72 26.61 -30.94
C GLN B 114 -11.97 26.71 -30.08
N HIS B 115 -13.01 25.93 -30.36
CA HIS B 115 -14.16 25.85 -29.47
C HIS B 115 -14.50 24.38 -29.24
N HIS B 116 -15.18 24.14 -28.14
CA HIS B 116 -15.63 22.79 -27.82
C HIS B 116 -16.93 22.50 -28.55
N ASN B 117 -16.97 21.39 -29.27
CA ASN B 117 -18.19 20.97 -29.96
CA ASN B 117 -18.14 20.93 -30.01
C ASN B 117 -18.75 19.66 -29.41
N LEU B 118 -18.19 19.15 -28.32
CA LEU B 118 -18.64 17.90 -27.74
C LEU B 118 -18.67 17.97 -26.23
N LEU B 119 -19.68 17.31 -25.65
CA LEU B 119 -19.72 17.02 -24.22
C LEU B 119 -19.57 15.52 -24.09
N VAL B 120 -18.51 15.07 -23.44
CA VAL B 120 -18.20 13.65 -23.34
C VAL B 120 -18.59 13.16 -21.96
N CYS B 121 -19.26 12.01 -21.91
CA CYS B 121 -19.54 11.29 -20.68
C CYS B 121 -18.84 9.94 -20.77
N SER B 122 -17.77 9.78 -19.98
CA SER B 122 -17.03 8.55 -19.93
C SER B 122 -17.56 7.69 -18.80
N VAL B 123 -17.96 6.47 -19.12
CA VAL B 123 -18.47 5.51 -18.15
C VAL B 123 -17.57 4.29 -18.23
N SER B 124 -16.71 4.10 -17.24
CA SER B 124 -15.70 3.05 -17.30
C SER B 124 -15.69 2.20 -16.04
N GLY B 125 -15.19 0.97 -16.20
CA GLY B 125 -14.96 0.10 -15.08
C GLY B 125 -16.18 -0.56 -14.49
N PHE B 126 -17.18 -0.87 -15.30
CA PHE B 126 -18.42 -1.43 -14.79
C PHE B 126 -18.65 -2.85 -15.31
N TYR B 127 -19.52 -3.55 -14.61
CA TYR B 127 -19.94 -4.91 -14.96
C TYR B 127 -21.30 -5.18 -14.32
N PRO B 128 -22.26 -5.77 -15.06
CA PRO B 128 -22.20 -6.25 -16.44
C PRO B 128 -22.20 -5.13 -17.49
N GLY B 129 -22.36 -5.50 -18.76
CA GLY B 129 -22.28 -4.54 -19.85
C GLY B 129 -23.55 -3.75 -20.11
N SER B 130 -24.70 -4.24 -19.66
CA SER B 130 -25.96 -3.54 -19.91
C SER B 130 -25.98 -2.21 -19.18
N ILE B 131 -26.19 -1.13 -19.94
CA ILE B 131 -26.10 0.21 -19.38
C ILE B 131 -26.89 1.15 -20.29
N GLU B 132 -27.39 2.24 -19.72
CA GLU B 132 -28.11 3.26 -20.46
C GLU B 132 -27.59 4.62 -20.07
N VAL B 133 -27.48 5.53 -21.04
CA VAL B 133 -26.90 6.85 -20.78
C VAL B 133 -27.82 7.91 -21.39
N ARG B 134 -28.13 8.93 -20.61
CA ARG B 134 -28.96 10.05 -21.04
C ARG B 134 -28.27 11.36 -20.74
N TRP B 135 -28.52 12.35 -21.60
CA TRP B 135 -28.00 13.69 -21.45
C TRP B 135 -29.11 14.66 -21.10
N PHE B 136 -28.79 15.64 -20.26
CA PHE B 136 -29.74 16.66 -19.84
C PHE B 136 -29.08 18.03 -19.95
N ARG B 137 -29.78 18.97 -20.57
CA ARG B 137 -29.39 20.37 -20.62
C ARG B 137 -30.37 21.13 -19.73
N ASN B 138 -29.86 21.74 -18.66
CA ASN B 138 -30.68 22.50 -17.73
C ASN B 138 -31.86 21.68 -17.23
N GLY B 139 -31.59 20.41 -16.92
CA GLY B 139 -32.61 19.55 -16.37
C GLY B 139 -33.59 18.97 -17.38
N GLN B 140 -33.37 19.17 -18.68
CA GLN B 140 -34.27 18.65 -19.70
C GLN B 140 -33.48 17.71 -20.62
N GLU B 141 -34.03 16.52 -20.87
CA GLU B 141 -33.28 15.52 -21.61
C GLU B 141 -33.10 15.95 -23.07
N GLU B 142 -31.87 15.83 -23.56
CA GLU B 142 -31.53 16.09 -24.96
C GLU B 142 -31.32 14.74 -25.64
N LYS B 143 -32.25 14.37 -26.51
CA LYS B 143 -32.16 13.12 -27.26
C LYS B 143 -31.51 13.29 -28.62
N ALA B 144 -31.26 14.52 -29.06
CA ALA B 144 -30.71 14.80 -30.38
C ALA B 144 -29.21 15.01 -30.30
N GLY B 145 -28.48 14.46 -31.27
CA GLY B 145 -27.05 14.63 -31.32
C GLY B 145 -26.29 13.85 -30.27
N VAL B 146 -26.71 12.63 -30.00
CA VAL B 146 -26.03 11.74 -29.05
C VAL B 146 -25.35 10.65 -29.84
N VAL B 147 -24.05 10.48 -29.63
CA VAL B 147 -23.23 9.52 -30.35
C VAL B 147 -22.47 8.68 -29.34
N SER B 148 -22.46 7.36 -29.53
CA SER B 148 -21.80 6.46 -28.61
C SER B 148 -20.68 5.70 -29.31
N THR B 149 -19.63 5.40 -28.55
CA THR B 149 -18.56 4.52 -29.00
C THR B 149 -18.92 3.05 -28.90
N GLY B 150 -20.09 2.73 -28.34
CA GLY B 150 -20.50 1.36 -28.14
C GLY B 150 -19.89 0.76 -26.89
N LEU B 151 -20.28 -0.50 -26.63
CA LEU B 151 -19.81 -1.24 -25.48
C LEU B 151 -18.43 -1.83 -25.76
N ILE B 152 -17.45 -1.48 -24.92
CA ILE B 152 -16.09 -1.99 -25.04
C ILE B 152 -15.82 -2.92 -23.87
N GLN B 153 -15.44 -4.16 -24.16
CA GLN B 153 -15.05 -5.14 -23.16
C GLN B 153 -13.53 -5.11 -23.03
N ASN B 154 -13.04 -4.73 -21.85
CA ASN B 154 -11.61 -4.55 -21.64
C ASN B 154 -10.85 -5.85 -21.41
N GLY B 155 -11.54 -6.95 -21.14
CA GLY B 155 -10.87 -8.21 -20.87
C GLY B 155 -10.49 -8.43 -19.42
N ASP B 156 -10.74 -7.47 -18.55
CA ASP B 156 -10.45 -7.57 -17.12
C ASP B 156 -11.72 -7.56 -16.29
N TRP B 157 -12.80 -8.14 -16.83
CA TRP B 157 -14.11 -8.17 -16.19
C TRP B 157 -14.69 -6.77 -15.98
N THR B 158 -14.35 -5.84 -16.87
CA THR B 158 -14.92 -4.49 -16.84
C THR B 158 -15.30 -4.07 -18.26
N PHE B 159 -16.20 -3.09 -18.33
CA PHE B 159 -16.63 -2.47 -19.58
C PHE B 159 -16.38 -0.97 -19.53
N GLN B 160 -16.26 -0.36 -20.71
CA GLN B 160 -16.18 1.09 -20.80
C GLN B 160 -16.91 1.56 -22.04
N THR B 161 -17.33 2.82 -22.00
CA THR B 161 -18.02 3.44 -23.12
C THR B 161 -17.94 4.95 -23.00
N LEU B 162 -17.96 5.62 -24.15
CA LEU B 162 -18.09 7.07 -24.23
C LEU B 162 -19.43 7.40 -24.85
N VAL B 163 -20.15 8.35 -24.24
CA VAL B 163 -21.40 8.86 -24.80
C VAL B 163 -21.26 10.37 -24.93
N MET B 164 -21.31 10.87 -26.16
CA MET B 164 -21.03 12.26 -26.46
C MET B 164 -22.29 12.97 -26.94
N LEU B 165 -22.39 14.25 -26.56
CA LEU B 165 -23.46 15.13 -26.98
C LEU B 165 -22.85 16.20 -27.87
N GLU B 166 -23.30 16.26 -29.11
CA GLU B 166 -22.82 17.26 -30.07
C GLU B 166 -23.50 18.57 -29.76
N THR B 167 -22.77 19.49 -29.11
CA THR B 167 -23.32 20.78 -28.74
C THR B 167 -22.17 21.73 -28.47
N VAL B 168 -22.43 23.02 -28.70
CA VAL B 168 -21.49 24.07 -28.35
C VAL B 168 -21.97 24.68 -27.04
N PRO B 169 -21.41 24.29 -25.90
CA PRO B 169 -21.94 24.75 -24.61
C PRO B 169 -21.83 26.26 -24.47
N ARG B 170 -22.84 26.85 -23.85
CA ARG B 170 -22.94 28.29 -23.65
C ARG B 170 -22.77 28.62 -22.18
N SER B 171 -22.23 29.80 -21.92
CA SER B 171 -21.94 30.23 -20.55
C SER B 171 -23.19 30.21 -19.70
N GLY B 172 -23.14 29.47 -18.58
CA GLY B 172 -24.23 29.38 -17.64
C GLY B 172 -24.97 28.06 -17.67
N GLU B 173 -24.96 27.38 -18.82
CA GLU B 173 -25.69 26.12 -18.94
C GLU B 173 -25.08 25.06 -18.02
N VAL B 174 -25.92 24.12 -17.62
CA VAL B 174 -25.52 23.02 -16.75
C VAL B 174 -25.95 21.73 -17.44
N TYR B 175 -24.98 20.93 -17.88
CA TYR B 175 -25.25 19.64 -18.50
C TYR B 175 -25.12 18.53 -17.48
N THR B 176 -25.89 17.46 -17.67
CA THR B 176 -25.92 16.34 -16.75
C THR B 176 -25.91 15.04 -17.53
N CYS B 177 -24.96 14.17 -17.21
CA CYS B 177 -24.92 12.80 -17.73
C CYS B 177 -25.55 11.88 -16.69
N GLN B 178 -26.45 11.02 -17.15
CA GLN B 178 -27.16 10.08 -16.29
C GLN B 178 -26.89 8.67 -16.77
N VAL B 179 -26.46 7.81 -15.84
CA VAL B 179 -26.04 6.45 -16.12
C VAL B 179 -26.95 5.50 -15.36
N GLU B 180 -27.65 4.65 -16.10
CA GLU B 180 -28.49 3.60 -15.53
C GLU B 180 -27.77 2.27 -15.68
N HIS B 181 -27.55 1.59 -14.56
CA HIS B 181 -26.77 0.36 -14.50
C HIS B 181 -27.26 -0.48 -13.33
N PRO B 182 -27.27 -1.81 -13.46
CA PRO B 182 -27.83 -2.65 -12.37
C PRO B 182 -27.07 -2.55 -11.06
N SER B 183 -25.90 -1.92 -11.03
CA SER B 183 -25.13 -1.83 -9.80
C SER B 183 -25.60 -0.72 -8.87
N VAL B 184 -26.50 0.15 -9.31
CA VAL B 184 -26.98 1.27 -8.50
C VAL B 184 -28.50 1.28 -8.54
N THR B 185 -29.12 1.45 -7.38
CA THR B 185 -30.58 1.48 -7.32
C THR B 185 -31.15 2.78 -7.87
N SER B 186 -30.38 3.86 -7.85
CA SER B 186 -30.75 5.10 -8.51
C SER B 186 -29.71 5.46 -9.56
N PRO B 187 -30.13 5.89 -10.75
CA PRO B 187 -29.15 6.19 -11.80
C PRO B 187 -28.20 7.29 -11.35
N LEU B 188 -26.92 7.09 -11.67
CA LEU B 188 -25.90 8.07 -11.31
C LEU B 188 -26.03 9.31 -12.17
N THR B 189 -25.80 10.48 -11.56
CA THR B 189 -25.85 11.75 -12.27
C THR B 189 -24.56 12.51 -12.02
N VAL B 190 -23.99 13.04 -13.09
CA VAL B 190 -22.77 13.86 -13.03
C VAL B 190 -23.03 15.16 -13.78
N GLU B 191 -22.71 16.27 -13.16
CA GLU B 191 -22.99 17.58 -13.72
C GLU B 191 -21.71 18.27 -14.19
N TRP B 192 -21.83 19.04 -15.26
CA TRP B 192 -20.77 19.87 -15.79
C TRP B 192 -21.36 21.26 -16.04
N ARG B 193 -20.84 22.26 -15.35
CA ARG B 193 -21.34 23.62 -15.45
C ARG B 193 -20.50 24.41 -16.45
N ALA B 194 -21.14 24.88 -17.52
CA ALA B 194 -20.43 25.62 -18.57
C ALA B 194 -20.18 27.07 -18.17
N THR C 1 -16.14 -24.14 -2.33
CA THR C 1 -16.56 -25.21 -3.23
C THR C 1 -15.63 -25.31 -4.44
N GLN C 2 -15.62 -26.47 -5.09
CA GLN C 2 -14.68 -26.78 -6.15
C GLN C 2 -15.37 -26.71 -7.51
N LEU C 3 -14.71 -26.06 -8.47
CA LEU C 3 -15.17 -26.10 -9.86
C LEU C 3 -14.69 -27.39 -10.51
N LYS C 4 -15.63 -28.11 -11.13
CA LYS C 4 -15.31 -29.38 -11.77
C LYS C 4 -14.91 -29.16 -13.23
N ARG C 5 -14.02 -30.02 -13.70
CA ARG C 5 -13.63 -30.06 -15.10
C ARG C 5 -14.34 -31.21 -15.79
N ALA C 6 -14.56 -31.06 -17.09
CA ALA C 6 -15.09 -32.15 -17.91
C ALA C 6 -13.93 -33.02 -18.37
N LEU C 7 -14.07 -34.32 -18.20
CA LEU C 7 -12.97 -35.24 -18.47
C LEU C 7 -12.84 -35.48 -19.97
N THR C 8 -11.61 -35.43 -20.47
CA THR C 8 -11.35 -35.65 -21.88
C THR C 8 -11.25 -37.15 -22.18
N GLY C 9 -11.76 -37.54 -23.35
CA GLY C 9 -11.68 -38.92 -23.80
C GLY C 9 -10.70 -39.06 -24.94
N ILE C 10 -10.15 -40.26 -25.09
CA ILE C 10 -9.17 -40.57 -26.13
C ILE C 10 -9.91 -40.94 -27.41
N ALA C 11 -9.39 -40.50 -28.54
CA ALA C 11 -10.00 -40.80 -29.83
C ALA C 11 -9.58 -42.19 -30.31
N VAL C 12 -10.28 -42.68 -31.33
CA VAL C 12 -9.98 -44.00 -31.88
C VAL C 12 -8.70 -43.92 -32.70
N GLU C 13 -7.85 -44.94 -32.55
CA GLU C 13 -6.55 -44.96 -33.20
C GLU C 13 -6.66 -45.67 -34.55
N GLN C 14 -5.52 -45.83 -35.22
CA GLN C 14 -5.48 -46.38 -36.58
C GLN C 14 -5.08 -47.84 -36.57
N ASP C 15 -5.41 -48.52 -37.67
CA ASP C 15 -5.04 -49.92 -37.87
C ASP C 15 -5.23 -50.32 -39.34
N LYS D 3 4.72 5.82 11.12
CA LYS D 3 5.41 4.53 11.09
C LYS D 3 4.76 3.54 12.04
N GLU D 4 5.55 3.00 12.96
CA GLU D 4 5.04 2.11 13.98
C GLU D 4 4.52 2.91 15.16
N GLU D 5 3.45 2.41 15.77
CA GLU D 5 2.92 2.96 17.00
C GLU D 5 3.61 2.28 18.19
N HIS D 6 4.04 3.09 19.16
CA HIS D 6 4.59 2.57 20.40
C HIS D 6 3.71 3.06 21.53
N VAL D 7 3.55 2.22 22.55
CA VAL D 7 2.64 2.51 23.66
C VAL D 7 3.34 2.18 24.97
N ILE D 8 3.42 3.17 25.86
CA ILE D 8 3.90 2.98 27.22
C ILE D 8 2.71 3.07 28.16
N ILE D 9 2.54 2.05 28.99
CA ILE D 9 1.39 1.94 29.88
C ILE D 9 1.88 1.83 31.31
N GLN D 10 1.42 2.72 32.17
CA GLN D 10 1.61 2.60 33.62
C GLN D 10 0.37 1.89 34.18
N ALA D 11 0.53 0.63 34.55
CA ALA D 11 -0.58 -0.19 35.00
C ALA D 11 -0.43 -0.47 36.49
N GLU D 12 -1.43 -0.10 37.27
CA GLU D 12 -1.44 -0.36 38.71
C GLU D 12 -2.82 -0.87 39.10
N PHE D 13 -2.85 -1.69 40.16
CA PHE D 13 -4.13 -2.15 40.66
C PHE D 13 -4.05 -2.40 42.16
N TYR D 14 -5.23 -2.40 42.79
CA TYR D 14 -5.40 -2.83 44.17
C TYR D 14 -6.62 -3.73 44.24
N LEU D 15 -6.51 -4.78 45.03
CA LEU D 15 -7.54 -5.82 45.13
C LEU D 15 -7.83 -6.09 46.60
N ASN D 16 -9.13 -6.11 46.94
CA ASN D 16 -9.72 -6.43 48.23
C ASN D 16 -10.55 -7.71 48.12
N PRO D 17 -10.66 -8.50 49.21
CA PRO D 17 -10.07 -8.26 50.54
C PRO D 17 -8.64 -8.75 50.64
N ASP D 18 -8.05 -9.15 49.52
CA ASP D 18 -6.68 -9.64 49.53
C ASP D 18 -5.69 -8.56 49.96
N GLN D 19 -6.06 -7.29 49.78
CA GLN D 19 -5.17 -6.16 50.03
C GLN D 19 -3.88 -6.27 49.22
N SER D 20 -4.01 -6.67 47.97
CA SER D 20 -2.86 -6.81 47.08
C SER D 20 -2.75 -5.60 46.16
N GLY D 21 -1.54 -5.09 46.01
CA GLY D 21 -1.30 -3.95 45.14
C GLY D 21 -0.15 -4.22 44.20
N GLU D 22 -0.24 -3.66 43.00
CA GLU D 22 0.82 -3.84 42.02
C GLU D 22 0.97 -2.57 41.18
N PHE D 23 2.22 -2.32 40.76
CA PHE D 23 2.60 -1.13 39.99
C PHE D 23 3.67 -1.55 38.99
N MET D 24 3.41 -1.33 37.70
CA MET D 24 4.33 -1.77 36.66
C MET D 24 4.24 -0.85 35.44
N PHE D 25 5.28 -0.88 34.62
CA PHE D 25 5.32 -0.20 33.34
C PHE D 25 5.46 -1.22 32.21
N ASP D 26 4.78 -0.95 31.10
CA ASP D 26 4.72 -1.84 29.96
C ASP D 26 5.06 -1.06 28.69
N PHE D 27 5.88 -1.66 27.83
CA PHE D 27 6.23 -1.10 26.53
C PHE D 27 5.87 -2.10 25.44
N ASP D 28 4.83 -1.80 24.68
CA ASP D 28 4.42 -2.62 23.54
C ASP D 28 4.19 -4.07 23.94
N GLY D 29 3.60 -4.27 25.12
CA GLY D 29 3.25 -5.60 25.60
C GLY D 29 4.29 -6.27 26.47
N ASP D 30 5.47 -5.68 26.63
CA ASP D 30 6.52 -6.25 27.47
C ASP D 30 6.70 -5.37 28.71
N GLU D 31 6.97 -6.02 29.84
CA GLU D 31 7.16 -5.29 31.08
C GLU D 31 8.51 -4.59 31.10
N ILE D 32 8.50 -3.29 31.40
CA ILE D 32 9.75 -2.58 31.63
C ILE D 32 10.25 -2.83 33.04
N PHE D 33 9.39 -2.61 34.03
CA PHE D 33 9.74 -2.86 35.42
C PHE D 33 8.46 -2.93 36.23
N HIS D 34 8.58 -3.41 37.46
CA HIS D 34 7.53 -3.29 38.44
C HIS D 34 8.15 -2.85 39.76
N VAL D 35 7.31 -2.56 40.73
CA VAL D 35 7.78 -2.11 42.04
C VAL D 35 7.41 -3.17 43.08
N ASP D 36 8.43 -3.77 43.68
CA ASP D 36 8.23 -4.64 44.83
C ASP D 36 7.76 -3.79 46.00
N MET D 37 6.50 -3.99 46.39
CA MET D 37 5.86 -3.18 47.42
C MET D 37 6.44 -3.47 48.80
N ALA D 38 6.68 -4.75 49.11
CA ALA D 38 7.29 -5.11 50.38
C ALA D 38 8.68 -4.52 50.52
N LYS D 39 9.63 -4.98 49.70
CA LYS D 39 10.99 -4.47 49.76
C LYS D 39 11.09 -3.03 49.28
N LYS D 40 10.01 -2.48 48.72
CA LYS D 40 9.94 -1.10 48.27
C LYS D 40 11.07 -0.76 47.30
N GLU D 41 11.15 -1.54 46.21
CA GLU D 41 12.26 -1.34 45.29
C GLU D 41 11.83 -1.55 43.85
N THR D 42 12.54 -0.87 42.94
CA THR D 42 12.29 -0.97 41.51
C THR D 42 12.95 -2.22 40.96
N VAL D 43 12.16 -3.14 40.43
CA VAL D 43 12.65 -4.39 39.84
C VAL D 43 12.49 -4.26 38.32
N TRP D 44 13.62 -4.11 37.62
CA TRP D 44 13.62 -4.02 36.17
C TRP D 44 13.54 -5.41 35.55
N ARG D 45 12.72 -5.54 34.51
CA ARG D 45 12.52 -6.84 33.87
C ARG D 45 13.80 -7.38 33.25
N LEU D 46 14.56 -6.52 32.57
CA LEU D 46 15.89 -6.85 32.05
C LEU D 46 16.94 -6.03 32.78
N GLU D 47 18.01 -6.71 33.23
CA GLU D 47 19.04 -6.06 34.02
C GLU D 47 19.58 -4.80 33.32
N GLU D 48 19.74 -4.86 32.00
CA GLU D 48 20.33 -3.75 31.27
C GLU D 48 19.45 -2.50 31.31
N PHE D 49 18.18 -2.63 31.68
CA PHE D 49 17.34 -1.44 31.78
C PHE D 49 17.78 -0.54 32.92
N GLY D 50 18.25 -1.14 34.02
CA GLY D 50 18.68 -0.40 35.20
C GLY D 50 19.90 0.47 34.99
N ARG D 51 20.69 0.22 33.95
CA ARG D 51 21.86 1.04 33.69
C ARG D 51 21.53 2.32 32.93
N PHE D 52 20.32 2.43 32.39
CA PHE D 52 19.90 3.61 31.65
C PHE D 52 18.85 4.46 32.34
N ALA D 53 18.03 3.88 33.22
CA ALA D 53 16.96 4.64 33.85
C ALA D 53 16.80 4.19 35.30
N SER D 54 16.05 4.99 36.06
CA SER D 54 15.78 4.71 37.47
C SER D 54 14.36 5.17 37.78
N PHE D 55 13.86 4.72 38.94
CA PHE D 55 12.52 5.08 39.36
C PHE D 55 12.42 4.96 40.88
N GLU D 56 11.78 5.95 41.50
CA GLU D 56 11.58 5.98 42.95
C GLU D 56 10.33 5.17 43.32
N ALA D 57 10.55 4.06 44.03
CA ALA D 57 9.44 3.16 44.39
C ALA D 57 8.44 3.79 45.34
N GLN D 58 8.86 4.81 46.09
CA GLN D 58 7.94 5.51 47.00
C GLN D 58 6.72 6.03 46.26
N GLY D 59 6.93 6.57 45.04
CA GLY D 59 5.80 7.04 44.27
C GLY D 59 4.80 5.93 43.97
N ALA D 60 5.30 4.74 43.68
CA ALA D 60 4.42 3.58 43.47
C ALA D 60 3.65 3.26 44.75
N LEU D 61 4.33 3.30 45.90
CA LEU D 61 3.66 3.05 47.17
C LEU D 61 2.52 4.05 47.39
N ALA D 62 2.79 5.34 47.15
CA ALA D 62 1.76 6.37 47.29
C ALA D 62 0.59 6.09 46.34
N ASN D 63 0.90 5.77 45.08
CA ASN D 63 -0.15 5.44 44.12
C ASN D 63 -1.02 4.29 44.62
N ILE D 64 -0.39 3.26 45.19
CA ILE D 64 -1.15 2.11 45.67
C ILE D 64 -2.04 2.50 46.84
N ALA D 65 -1.55 3.37 47.72
CA ALA D 65 -2.40 3.89 48.81
C ALA D 65 -3.64 4.59 48.26
N VAL D 66 -3.42 5.48 47.28
CA VAL D 66 -4.55 6.18 46.66
C VAL D 66 -5.52 5.19 46.03
N ASP D 67 -4.97 4.18 45.33
CA ASP D 67 -5.80 3.16 44.70
C ASP D 67 -6.63 2.40 45.73
N LYS D 68 -6.03 2.06 46.87
CA LYS D 68 -6.77 1.37 47.93
C LYS D 68 -7.96 2.21 48.39
N ALA D 69 -7.71 3.49 48.69
CA ALA D 69 -8.79 4.38 49.10
C ALA D 69 -9.89 4.45 48.05
N ASN D 70 -9.49 4.66 46.79
CA ASN D 70 -10.47 4.75 45.71
C ASN D 70 -11.24 3.46 45.56
N LEU D 71 -10.57 2.31 45.74
CA LEU D 71 -11.24 1.02 45.66
C LEU D 71 -12.34 0.91 46.70
N GLU D 72 -12.04 1.29 47.94
CA GLU D 72 -13.06 1.20 48.98
C GLU D 72 -14.25 2.11 48.66
N ILE D 73 -13.97 3.34 48.23
CA ILE D 73 -15.05 4.25 47.86
C ILE D 73 -15.89 3.67 46.72
N MET D 74 -15.23 3.14 45.70
CA MET D 74 -15.94 2.58 44.55
C MET D 74 -16.73 1.33 44.93
N THR D 75 -16.19 0.53 45.84
CA THR D 75 -16.92 -0.62 46.36
C THR D 75 -18.23 -0.17 46.97
N LYS D 76 -18.20 0.92 47.74
CA LYS D 76 -19.45 1.42 48.31
C LYS D 76 -20.36 2.01 47.24
N ARG D 77 -19.79 2.68 46.25
CA ARG D 77 -20.60 3.34 45.22
C ARG D 77 -21.34 2.33 44.36
N SER D 78 -20.70 1.20 44.05
CA SER D 78 -21.32 0.17 43.21
C SER D 78 -22.31 -0.68 43.97
N ASN D 79 -22.74 -0.25 45.16
CA ASN D 79 -23.59 -1.06 46.04
C ASN D 79 -22.95 -2.42 46.31
N TYR D 80 -21.63 -2.40 46.49
CA TYR D 80 -20.85 -3.58 46.88
C TYR D 80 -21.00 -4.73 45.87
N THR D 81 -20.90 -4.38 44.59
CA THR D 81 -20.94 -5.38 43.53
C THR D 81 -19.57 -6.02 43.35
N PRO D 82 -19.45 -7.34 43.48
CA PRO D 82 -18.14 -7.99 43.35
C PRO D 82 -17.80 -8.27 41.89
N ILE D 83 -16.53 -8.59 41.68
CA ILE D 83 -16.05 -8.94 40.34
C ILE D 83 -16.53 -10.34 39.96
N THR D 84 -16.69 -10.57 38.66
CA THR D 84 -17.03 -11.88 38.12
C THR D 84 -15.73 -12.63 37.79
N ASN D 85 -15.58 -13.82 38.37
CA ASN D 85 -14.39 -14.62 38.11
C ASN D 85 -14.31 -15.00 36.64
N VAL D 86 -13.15 -14.77 36.04
CA VAL D 86 -12.91 -15.17 34.65
C VAL D 86 -11.77 -16.18 34.64
N PRO D 87 -12.02 -17.44 34.30
CA PRO D 87 -10.97 -18.45 34.40
C PRO D 87 -9.92 -18.25 33.32
N PRO D 88 -8.69 -18.67 33.57
CA PRO D 88 -7.61 -18.42 32.61
C PRO D 88 -7.47 -19.52 31.56
N GLU D 89 -6.81 -19.14 30.46
CA GLU D 89 -6.29 -20.08 29.48
C GLU D 89 -4.80 -20.30 29.75
N VAL D 90 -4.37 -21.55 29.69
CA VAL D 90 -3.01 -21.94 30.06
C VAL D 90 -2.33 -22.58 28.86
N THR D 91 -1.12 -22.13 28.55
CA THR D 91 -0.31 -22.69 27.48
C THR D 91 1.08 -23.01 28.01
N VAL D 92 1.54 -24.23 27.78
CA VAL D 92 2.91 -24.63 28.12
C VAL D 92 3.73 -24.72 26.85
N LEU D 93 4.90 -24.10 26.87
CA LEU D 93 5.77 -24.04 25.71
C LEU D 93 7.21 -24.07 26.20
N THR D 94 8.15 -24.09 25.26
CA THR D 94 9.56 -24.00 25.60
C THR D 94 10.13 -22.69 25.06
N ASN D 95 11.12 -22.16 25.76
CA ASN D 95 11.74 -20.90 25.36
C ASN D 95 12.33 -20.99 23.96
N SER D 96 12.82 -22.16 23.58
CA SER D 96 13.35 -22.41 22.24
C SER D 96 13.10 -23.86 21.92
N PRO D 97 13.36 -24.28 20.67
CA PRO D 97 13.32 -25.72 20.38
C PRO D 97 14.21 -26.51 21.33
N VAL D 98 13.72 -27.66 21.74
CA VAL D 98 14.38 -28.49 22.75
C VAL D 98 15.37 -29.43 22.09
N GLU D 99 16.55 -29.55 22.69
CA GLU D 99 17.56 -30.51 22.28
C GLU D 99 18.03 -31.26 23.52
N LEU D 100 18.22 -32.57 23.37
CA LEU D 100 18.61 -33.39 24.52
C LEU D 100 19.92 -32.89 25.11
N ARG D 101 19.98 -32.87 26.44
CA ARG D 101 21.17 -32.51 27.20
C ARG D 101 21.58 -31.06 26.97
N GLU D 102 20.68 -30.23 26.45
CA GLU D 102 20.93 -28.81 26.24
C GLU D 102 19.93 -28.02 27.06
N PRO D 103 20.36 -27.25 28.07
CA PRO D 103 19.41 -26.62 28.99
C PRO D 103 18.40 -25.72 28.29
N ASN D 104 17.19 -25.70 28.82
CA ASN D 104 16.10 -24.93 28.23
C ASN D 104 15.18 -24.47 29.37
N VAL D 105 14.15 -23.70 29.00
CA VAL D 105 13.20 -23.16 29.97
C VAL D 105 11.78 -23.52 29.53
N LEU D 106 11.01 -24.11 30.45
CA LEU D 106 9.59 -24.32 30.25
C LEU D 106 8.82 -23.08 30.68
N ILE D 107 7.94 -22.60 29.80
CA ILE D 107 7.13 -21.41 30.04
C ILE D 107 5.68 -21.84 30.19
N CYS D 108 5.08 -21.48 31.32
CA CYS D 108 3.65 -21.64 31.56
C CYS D 108 3.02 -20.25 31.47
N PHE D 109 2.23 -20.04 30.42
CA PHE D 109 1.61 -18.75 30.13
C PHE D 109 0.15 -18.82 30.54
N ILE D 110 -0.21 -18.04 31.56
CA ILE D 110 -1.58 -17.93 32.06
C ILE D 110 -2.16 -16.63 31.52
N ASP D 111 -3.34 -16.70 30.92
CA ASP D 111 -3.84 -15.59 30.11
C ASP D 111 -5.34 -15.40 30.32
N LYS D 112 -5.79 -14.15 30.21
CA LYS D 112 -7.21 -13.81 30.12
C LYS D 112 -7.98 -14.23 31.37
N PHE D 113 -7.54 -13.72 32.52
CA PHE D 113 -8.17 -14.07 33.78
C PHE D 113 -8.31 -12.84 34.67
N THR D 114 -9.25 -12.93 35.61
CA THR D 114 -9.44 -11.94 36.65
C THR D 114 -10.31 -12.58 37.73
N PRO D 115 -10.11 -12.22 39.02
CA PRO D 115 -9.14 -11.28 39.61
C PRO D 115 -7.69 -11.77 39.52
N PRO D 116 -6.72 -10.88 39.72
CA PRO D 116 -5.29 -11.27 39.63
C PRO D 116 -4.80 -12.05 40.84
N VAL D 117 -5.35 -13.26 41.00
CA VAL D 117 -4.88 -14.20 42.03
C VAL D 117 -4.87 -15.58 41.40
N VAL D 118 -3.68 -16.22 41.37
CA VAL D 118 -3.51 -17.52 40.74
C VAL D 118 -2.51 -18.32 41.57
N ASN D 119 -2.64 -19.65 41.52
CA ASN D 119 -1.73 -20.57 42.18
C ASN D 119 -1.13 -21.48 41.13
N VAL D 120 0.17 -21.36 40.87
CA VAL D 120 0.84 -22.07 39.80
C VAL D 120 1.88 -23.01 40.40
N THR D 121 1.87 -24.26 39.97
CA THR D 121 2.82 -25.27 40.44
C THR D 121 3.40 -26.02 39.25
N TRP D 122 4.72 -26.18 39.25
CA TRP D 122 5.37 -27.03 38.27
C TRP D 122 5.50 -28.44 38.84
N LEU D 123 5.21 -29.44 38.00
CA LEU D 123 5.29 -30.84 38.39
C LEU D 123 6.22 -31.57 37.44
N ARG D 124 7.33 -32.10 37.96
CA ARG D 124 8.18 -33.01 37.22
C ARG D 124 7.83 -34.43 37.66
N ASN D 125 7.38 -35.25 36.71
CA ASN D 125 7.00 -36.63 36.99
C ASN D 125 5.95 -36.71 38.09
N GLY D 126 5.07 -35.71 38.17
CA GLY D 126 4.05 -35.66 39.18
C GLY D 126 4.44 -34.98 40.47
N LYS D 127 5.74 -34.86 40.75
CA LYS D 127 6.22 -34.28 42.01
C LYS D 127 6.44 -32.77 41.86
N PRO D 128 6.09 -31.96 42.86
CA PRO D 128 6.26 -30.51 42.72
C PRO D 128 7.73 -30.14 42.69
N VAL D 129 8.09 -29.27 41.76
CA VAL D 129 9.45 -28.78 41.60
C VAL D 129 9.48 -27.28 41.85
N THR D 130 10.37 -26.84 42.74
CA THR D 130 10.49 -25.43 43.08
C THR D 130 11.84 -24.84 42.74
N THR D 131 12.85 -25.67 42.49
CA THR D 131 14.21 -25.20 42.30
C THR D 131 14.33 -24.40 41.01
N GLY D 132 14.78 -23.16 41.12
CA GLY D 132 15.07 -22.38 39.93
C GLY D 132 13.89 -21.73 39.27
N VAL D 133 12.68 -21.88 39.81
CA VAL D 133 11.50 -21.33 39.12
C VAL D 133 11.44 -19.82 39.33
N SER D 134 10.90 -19.15 38.34
CA SER D 134 10.70 -17.70 38.38
C SER D 134 9.32 -17.38 37.82
N GLU D 135 8.89 -16.15 38.03
CA GLU D 135 7.57 -15.75 37.55
C GLU D 135 7.56 -14.24 37.35
N THR D 136 6.57 -13.78 36.58
CA THR D 136 6.35 -12.36 36.37
C THR D 136 5.18 -11.90 37.24
N VAL D 137 5.05 -10.58 37.37
CA VAL D 137 3.90 -10.01 38.05
C VAL D 137 2.69 -10.16 37.13
N PHE D 138 1.53 -9.70 37.59
CA PHE D 138 0.34 -9.76 36.76
C PHE D 138 0.41 -8.67 35.70
N LEU D 139 0.43 -9.09 34.43
CA LEU D 139 0.64 -8.23 33.28
C LEU D 139 -0.70 -7.76 32.71
N PRO D 140 -0.76 -6.53 32.23
CA PRO D 140 -2.05 -5.97 31.80
C PRO D 140 -2.46 -6.42 30.41
N ARG D 141 -3.77 -6.39 30.18
CA ARG D 141 -4.37 -6.72 28.91
C ARG D 141 -5.29 -5.59 28.48
N GLU D 142 -5.52 -5.50 27.17
CA GLU D 142 -6.37 -4.44 26.64
C GLU D 142 -7.83 -4.63 27.06
N ASP D 143 -8.25 -5.86 27.32
CA ASP D 143 -9.58 -6.13 27.85
C ASP D 143 -9.60 -6.12 29.38
N HIS D 144 -8.55 -5.59 30.00
CA HIS D 144 -8.42 -5.41 31.45
C HIS D 144 -8.40 -6.72 32.21
N LEU D 145 -8.22 -7.84 31.51
CA LEU D 145 -7.89 -9.11 32.16
C LEU D 145 -6.39 -9.12 32.44
N PHE D 146 -5.84 -10.28 32.80
CA PHE D 146 -4.43 -10.33 33.21
C PHE D 146 -3.69 -11.47 32.51
N ARG D 147 -2.37 -11.29 32.44
CA ARG D 147 -1.44 -12.28 31.92
C ARG D 147 -0.38 -12.55 32.97
N LYS D 148 0.27 -13.71 32.86
CA LYS D 148 1.33 -14.08 33.79
C LYS D 148 2.20 -15.15 33.13
N PHE D 149 3.50 -15.08 33.40
CA PHE D 149 4.46 -16.05 32.89
C PHE D 149 5.13 -16.75 34.07
N HIS D 150 5.26 -18.07 33.98
CA HIS D 150 6.02 -18.84 34.94
C HIS D 150 7.11 -19.61 34.19
N TYR D 151 8.31 -19.64 34.76
CA TYR D 151 9.47 -20.19 34.09
C TYR D 151 10.11 -21.25 34.96
N LEU D 152 10.46 -22.37 34.34
CA LEU D 152 11.16 -23.46 35.01
C LEU D 152 12.34 -23.88 34.14
N PRO D 153 13.57 -23.58 34.56
CA PRO D 153 14.73 -24.08 33.81
C PRO D 153 14.88 -25.57 34.04
N PHE D 154 15.34 -26.26 33.01
CA PHE D 154 15.45 -27.72 33.10
C PHE D 154 16.45 -28.22 32.07
N LEU D 155 16.95 -29.43 32.35
CA LEU D 155 17.78 -30.17 31.41
C LEU D 155 16.90 -31.19 30.72
N PRO D 156 16.70 -31.07 29.40
CA PRO D 156 15.79 -31.98 28.69
C PRO D 156 16.24 -33.43 28.79
N SER D 157 15.26 -34.33 28.88
CA SER D 157 15.53 -35.75 28.95
C SER D 157 14.31 -36.50 28.45
N THR D 158 14.55 -37.72 27.97
CA THR D 158 13.47 -38.58 27.52
C THR D 158 12.73 -39.23 28.69
N GLU D 159 13.26 -39.10 29.90
CA GLU D 159 12.71 -39.75 31.09
C GLU D 159 11.70 -38.88 31.82
N ASP D 160 11.86 -37.55 31.80
CA ASP D 160 11.02 -36.66 32.56
C ASP D 160 9.83 -36.16 31.75
N VAL D 161 8.70 -35.97 32.43
CA VAL D 161 7.50 -35.36 31.88
C VAL D 161 7.13 -34.21 32.80
N TYR D 162 6.50 -33.17 32.25
CA TYR D 162 6.23 -31.98 33.03
C TYR D 162 4.76 -31.58 32.92
N ASP D 163 4.28 -30.91 33.98
CA ASP D 163 2.93 -30.38 34.02
C ASP D 163 2.95 -29.01 34.68
N CYS D 164 2.12 -28.11 34.18
CA CYS D 164 1.82 -26.85 34.84
C CYS D 164 0.42 -26.94 35.41
N ARG D 165 0.30 -26.77 36.73
CA ARG D 165 -0.95 -26.87 37.46
C ARG D 165 -1.36 -25.46 37.87
N VAL D 166 -2.52 -25.02 37.38
CA VAL D 166 -3.00 -23.65 37.57
C VAL D 166 -4.32 -23.70 38.33
N GLU D 167 -4.38 -22.98 39.44
CA GLU D 167 -5.59 -22.86 40.24
C GLU D 167 -6.05 -21.40 40.23
N HIS D 168 -7.34 -21.20 39.98
CA HIS D 168 -7.96 -19.89 39.93
C HIS D 168 -9.41 -20.06 40.34
N TRP D 169 -9.97 -19.03 40.98
CA TRP D 169 -11.32 -19.13 41.50
C TRP D 169 -12.35 -19.34 40.40
N GLY D 170 -12.04 -18.97 39.16
CA GLY D 170 -12.96 -19.21 38.07
C GLY D 170 -12.96 -20.62 37.53
N LEU D 171 -12.00 -21.45 37.97
CA LEU D 171 -11.89 -22.82 37.51
C LEU D 171 -12.66 -23.76 38.43
N ASP D 172 -13.39 -24.69 37.84
CA ASP D 172 -14.06 -25.72 38.63
C ASP D 172 -13.05 -26.68 39.26
N GLU D 173 -11.95 -26.95 38.57
CA GLU D 173 -10.90 -27.83 39.07
C GLU D 173 -9.56 -27.28 38.61
N PRO D 174 -8.47 -27.65 39.28
CA PRO D 174 -7.14 -27.22 38.81
C PRO D 174 -6.90 -27.65 37.37
N LEU D 175 -6.29 -26.75 36.60
CA LEU D 175 -6.04 -26.96 35.18
C LEU D 175 -4.60 -27.44 35.00
N LEU D 176 -4.45 -28.63 34.44
CA LEU D 176 -3.12 -29.18 34.15
C LEU D 176 -2.83 -29.08 32.67
N LYS D 177 -1.63 -28.59 32.34
CA LYS D 177 -1.15 -28.51 30.96
C LYS D 177 0.17 -29.25 30.87
N HIS D 178 0.23 -30.23 29.98
CA HIS D 178 1.30 -31.22 29.94
C HIS D 178 2.38 -30.85 28.91
N TRP D 179 3.58 -31.38 29.14
CA TRP D 179 4.68 -31.23 28.19
C TRP D 179 5.61 -32.43 28.27
N GLU D 180 6.07 -32.88 27.10
CA GLU D 180 6.97 -34.00 26.95
C GLU D 180 7.87 -33.75 25.74
N PHE D 181 9.04 -34.38 25.75
CA PHE D 181 9.91 -34.37 24.57
C PHE D 181 9.47 -35.46 23.61
N ASP D 182 9.08 -35.07 22.40
CA ASP D 182 8.66 -36.00 21.35
C ASP D 182 9.68 -35.92 20.21
N ALA D 183 10.58 -36.90 20.14
CA ALA D 183 11.57 -36.97 19.07
C ALA D 183 10.91 -37.02 17.69
N MET E 4 -8.79 -22.22 45.93
CA MET E 4 -8.81 -22.38 47.38
C MET E 4 -10.20 -22.08 47.94
N GLY E 5 -10.43 -22.48 49.19
CA GLY E 5 -11.71 -22.33 49.87
C GLY E 5 -12.11 -20.90 50.20
N ASP E 6 -11.30 -19.92 49.81
CA ASP E 6 -11.60 -18.51 49.98
C ASP E 6 -12.70 -18.06 49.03
N THR E 7 -13.95 -18.08 49.47
CA THR E 7 -15.09 -17.71 48.63
C THR E 7 -15.58 -16.28 48.82
N ARG E 8 -14.94 -15.48 49.68
CA ARG E 8 -15.46 -14.13 49.90
C ARG E 8 -15.29 -13.27 48.64
N PRO E 9 -16.19 -12.33 48.41
CA PRO E 9 -16.17 -11.58 47.15
C PRO E 9 -14.94 -10.71 47.01
N ARG E 10 -14.51 -10.52 45.76
CA ARG E 10 -13.37 -9.68 45.43
C ARG E 10 -13.81 -8.39 44.77
N PHE E 11 -13.07 -7.32 45.03
CA PHE E 11 -13.34 -6.01 44.47
C PHE E 11 -12.03 -5.45 43.93
N LEU E 12 -12.00 -5.13 42.65
CA LEU E 12 -10.78 -4.77 41.94
C LEU E 12 -10.86 -3.33 41.43
N TRP E 13 -9.75 -2.62 41.52
CA TRP E 13 -9.63 -1.25 41.01
C TRP E 13 -8.31 -1.15 40.25
N GLN E 14 -8.39 -0.89 38.96
CA GLN E 14 -7.23 -0.75 38.09
C GLN E 14 -7.13 0.68 37.58
N LEU E 15 -5.89 1.14 37.39
CA LEU E 15 -5.61 2.47 36.87
C LEU E 15 -4.54 2.35 35.80
N LYS E 16 -4.83 2.81 34.59
CA LYS E 16 -3.91 2.68 33.47
C LYS E 16 -3.61 4.05 32.87
N PHE E 17 -2.33 4.37 32.74
CA PHE E 17 -1.87 5.56 32.03
C PHE E 17 -1.23 5.10 30.72
N GLU E 18 -1.92 5.32 29.61
CA GLU E 18 -1.46 4.90 28.29
C GLU E 18 -0.92 6.10 27.51
N CYS E 19 0.31 5.98 27.02
CA CYS E 19 0.93 6.96 26.14
C CYS E 19 1.05 6.33 24.76
N HIS E 20 0.23 6.79 23.81
CA HIS E 20 0.27 6.33 22.43
C HIS E 20 1.16 7.26 21.61
N PHE E 21 2.19 6.70 20.99
CA PHE E 21 3.13 7.47 20.19
C PHE E 21 3.02 7.12 18.72
N PHE E 22 2.78 8.13 17.89
CA PHE E 22 2.73 8.00 16.44
C PHE E 22 3.82 8.90 15.85
N ASN E 23 4.66 8.30 15.00
CA ASN E 23 5.83 8.96 14.41
C ASN E 23 6.74 9.54 15.51
N GLY E 24 7.30 8.64 16.30
CA GLY E 24 8.10 9.06 17.44
C GLY E 24 7.26 9.80 18.45
N THR E 25 7.71 11.00 18.82
CA THR E 25 6.96 11.86 19.72
C THR E 25 6.26 13.01 18.98
N GLU E 26 6.12 12.89 17.66
CA GLU E 26 5.41 13.93 16.92
C GLU E 26 3.93 13.96 17.27
N ARG E 27 3.28 12.78 17.33
CA ARG E 27 1.89 12.68 17.75
C ARG E 27 1.82 11.85 19.02
N VAL E 28 1.29 12.43 20.09
CA VAL E 28 1.22 11.78 21.39
C VAL E 28 -0.20 11.86 21.93
N ARG E 29 -0.69 10.74 22.48
CA ARG E 29 -2.02 10.69 23.06
C ARG E 29 -1.93 10.09 24.45
N LEU E 30 -2.44 10.81 25.45
CA LEU E 30 -2.48 10.31 26.82
C LEU E 30 -3.89 9.85 27.18
N LEU E 31 -3.97 8.69 27.82
CA LEU E 31 -5.24 8.10 28.25
C LEU E 31 -5.12 7.64 29.69
N GLU E 32 -5.78 8.34 30.61
CA GLU E 32 -5.93 7.89 31.99
C GLU E 32 -7.24 7.14 32.10
N ARG E 33 -7.20 5.86 32.47
CA ARG E 33 -8.38 5.02 32.48
C ARG E 33 -8.55 4.37 33.84
N CYS E 34 -9.74 4.52 34.44
CA CYS E 34 -10.08 3.87 35.69
C CYS E 34 -11.03 2.71 35.42
N ILE E 35 -10.70 1.53 35.95
CA ILE E 35 -11.45 0.31 35.70
C ILE E 35 -11.87 -0.31 37.04
N TYR E 36 -13.17 -0.49 37.23
CA TYR E 36 -13.68 -1.18 38.41
C TYR E 36 -14.31 -2.51 37.99
N ASN E 37 -13.77 -3.61 38.49
CA ASN E 37 -14.25 -4.96 38.18
C ASN E 37 -14.31 -5.22 36.68
N GLN E 38 -13.17 -5.05 36.02
CA GLN E 38 -13.01 -5.29 34.58
C GLN E 38 -13.95 -4.43 33.74
N GLU E 39 -14.27 -3.22 34.21
CA GLU E 39 -15.09 -2.29 33.44
C GLU E 39 -14.56 -0.89 33.63
N GLU E 40 -14.23 -0.24 32.51
CA GLU E 40 -13.76 1.13 32.53
C GLU E 40 -14.91 2.06 32.88
N SER E 41 -14.71 2.90 33.90
CA SER E 41 -15.76 3.78 34.39
C SER E 41 -15.54 5.25 34.03
N VAL E 42 -14.30 5.72 33.95
CA VAL E 42 -14.01 7.11 33.64
C VAL E 42 -12.64 7.18 32.99
N ARG E 43 -12.47 8.14 32.08
CA ARG E 43 -11.20 8.28 31.39
C ARG E 43 -10.92 9.74 31.07
N PHE E 44 -9.64 10.10 31.14
CA PHE E 44 -9.14 11.35 30.60
C PHE E 44 -8.42 11.05 29.30
N ASP E 45 -8.84 11.70 28.22
CA ASP E 45 -8.22 11.56 26.92
C ASP E 45 -7.65 12.92 26.53
N SER E 46 -6.33 12.98 26.35
CA SER E 46 -5.69 14.25 26.03
C SER E 46 -6.22 14.83 24.72
N ASP E 47 -6.65 13.98 23.79
CA ASP E 47 -7.29 14.47 22.57
C ASP E 47 -8.64 15.12 22.86
N VAL E 48 -9.26 14.79 23.99
CA VAL E 48 -10.51 15.43 24.39
C VAL E 48 -10.25 16.63 25.30
N GLY E 49 -9.29 16.51 26.21
CA GLY E 49 -8.92 17.61 27.07
C GLY E 49 -9.61 17.66 28.42
N GLU E 50 -10.48 16.70 28.72
CA GLU E 50 -11.18 16.66 30.00
C GLU E 50 -11.62 15.23 30.28
N TYR E 51 -12.07 15.01 31.51
CA TYR E 51 -12.54 13.71 31.93
C TYR E 51 -13.92 13.42 31.34
N ARG E 52 -14.16 12.14 31.05
CA ARG E 52 -15.42 11.70 30.47
C ARG E 52 -15.83 10.39 31.12
N ALA E 53 -17.11 10.28 31.46
CA ALA E 53 -17.64 9.07 32.05
C ALA E 53 -17.80 7.99 30.98
N VAL E 54 -17.28 6.81 31.28
CA VAL E 54 -17.49 5.66 30.40
C VAL E 54 -18.73 4.88 30.81
N THR E 55 -18.94 4.73 32.12
CA THR E 55 -20.18 4.19 32.68
C THR E 55 -20.72 5.20 33.70
N GLU E 56 -21.98 5.00 34.10
CA GLU E 56 -22.56 5.86 35.12
C GLU E 56 -21.78 5.81 36.42
N LEU E 57 -21.20 4.65 36.74
CA LEU E 57 -20.40 4.53 37.96
C LEU E 57 -19.29 5.56 38.02
N GLY E 58 -18.78 5.99 36.87
CA GLY E 58 -17.70 6.95 36.79
C GLY E 58 -18.08 8.40 36.55
N ARG E 59 -19.37 8.69 36.38
CA ARG E 59 -19.78 10.07 36.15
C ARG E 59 -19.46 11.00 37.31
N PRO E 60 -19.69 10.63 38.58
CA PRO E 60 -19.27 11.53 39.68
C PRO E 60 -17.80 11.90 39.60
N ASP E 61 -16.92 10.93 39.35
CA ASP E 61 -15.51 11.21 39.24
C ASP E 61 -15.21 12.18 38.10
N ALA E 62 -15.82 11.94 36.93
CA ALA E 62 -15.60 12.84 35.80
C ALA E 62 -16.01 14.27 36.14
N GLU E 63 -17.16 14.45 36.80
CA GLU E 63 -17.60 15.80 37.13
C GLU E 63 -16.69 16.45 38.17
N TYR E 64 -16.33 15.69 39.21
CA TYR E 64 -15.49 16.24 40.27
C TYR E 64 -14.12 16.62 39.74
N TRP E 65 -13.51 15.73 38.95
CA TRP E 65 -12.18 15.99 38.42
C TRP E 65 -12.19 17.10 37.38
N ASN E 66 -13.26 17.22 36.59
CA ASN E 66 -13.34 18.35 35.66
C ASN E 66 -13.53 19.66 36.40
N SER E 67 -14.08 19.63 37.61
CA SER E 67 -14.19 20.87 38.38
C SER E 67 -12.86 21.36 38.92
N GLN E 68 -11.79 20.56 38.82
CA GLN E 68 -10.46 20.92 39.33
C GLN E 68 -9.59 21.37 38.16
N LYS E 69 -9.40 22.70 38.05
CA LYS E 69 -8.70 23.26 36.89
C LYS E 69 -7.21 22.97 36.93
N ASP E 70 -6.62 22.96 38.12
CA ASP E 70 -5.21 22.58 38.25
C ASP E 70 -4.97 21.18 37.71
N LEU E 71 -5.83 20.23 38.07
CA LEU E 71 -5.72 18.88 37.56
C LEU E 71 -5.84 18.84 36.04
N LEU E 72 -6.77 19.62 35.48
CA LEU E 72 -6.94 19.64 34.04
C LEU E 72 -5.69 20.18 33.35
N GLU E 73 -5.12 21.27 33.87
CA GLU E 73 -3.91 21.83 33.28
C GLU E 73 -2.76 20.82 33.35
N GLN E 74 -2.61 20.14 34.50
CA GLN E 74 -1.53 19.19 34.66
C GLN E 74 -1.70 17.98 33.74
N ARG E 75 -2.94 17.50 33.58
CA ARG E 75 -3.18 16.35 32.71
C ARG E 75 -2.99 16.73 31.24
N ARG E 76 -3.38 17.95 30.86
CA ARG E 76 -3.15 18.38 29.49
C ARG E 76 -1.65 18.53 29.20
N ALA E 77 -0.88 19.00 30.18
CA ALA E 77 0.56 19.11 30.00
C ALA E 77 1.30 17.78 30.15
N ALA E 78 0.62 16.75 30.67
CA ALA E 78 1.26 15.46 30.84
C ALA E 78 1.73 14.84 29.53
N VAL E 79 1.17 15.24 28.38
CA VAL E 79 1.64 14.69 27.11
C VAL E 79 3.11 15.06 26.89
N ASP E 80 3.56 16.16 27.49
CA ASP E 80 4.97 16.55 27.46
C ASP E 80 5.70 16.15 28.73
N THR E 81 5.13 16.47 29.90
CA THR E 81 5.84 16.23 31.16
C THR E 81 5.93 14.76 31.51
N TYR E 82 5.07 13.91 30.92
CA TYR E 82 5.01 12.50 31.28
C TYR E 82 5.31 11.59 30.08
N CYS E 83 4.49 11.65 29.02
CA CYS E 83 4.64 10.73 27.91
C CYS E 83 5.96 10.96 27.16
N ARG E 84 6.17 12.17 26.65
CA ARG E 84 7.38 12.45 25.90
C ARG E 84 8.62 12.32 26.76
N HIS E 85 8.51 12.69 28.04
CA HIS E 85 9.64 12.52 28.95
C HIS E 85 10.04 11.06 29.08
N ASN E 86 9.07 10.19 29.37
CA ASN E 86 9.37 8.77 29.52
C ASN E 86 9.85 8.15 28.21
N TYR E 87 9.31 8.62 27.09
CA TYR E 87 9.80 8.16 25.79
C TYR E 87 11.28 8.49 25.63
N GLY E 88 11.65 9.74 25.93
CA GLY E 88 13.05 10.11 25.85
C GLY E 88 13.93 9.31 26.80
N VAL E 89 13.40 9.00 27.99
CA VAL E 89 14.17 8.26 28.98
C VAL E 89 14.43 6.83 28.53
N GLY E 90 13.42 6.17 27.98
CA GLY E 90 13.54 4.76 27.63
C GLY E 90 13.80 4.45 26.18
N GLU E 91 13.99 5.46 25.33
CA GLU E 91 14.14 5.22 23.90
C GLU E 91 15.33 4.31 23.58
N SER E 92 16.42 4.46 24.34
CA SER E 92 17.64 3.74 23.99
C SER E 92 17.49 2.24 24.15
N PHE E 93 16.71 1.78 25.13
CA PHE E 93 16.58 0.35 25.42
C PHE E 93 15.17 -0.18 25.14
N THR E 94 14.31 0.58 24.48
CA THR E 94 12.99 0.08 24.11
C THR E 94 12.76 0.22 22.62
N VAL E 95 12.54 1.46 22.15
CA VAL E 95 12.28 1.70 20.74
C VAL E 95 13.46 1.25 19.88
N GLN E 96 14.67 1.55 20.32
CA GLN E 96 15.88 1.20 19.59
C GLN E 96 16.42 -0.16 19.96
N ARG E 97 15.65 -0.98 20.65
CA ARG E 97 16.12 -2.29 21.07
C ARG E 97 16.14 -3.26 19.90
N ARG E 98 17.30 -3.92 19.71
CA ARG E 98 17.50 -4.88 18.64
C ARG E 98 18.20 -6.11 19.21
N VAL E 99 17.57 -7.28 19.09
CA VAL E 99 18.15 -8.53 19.54
C VAL E 99 18.17 -9.50 18.37
N GLU E 100 19.38 -9.99 18.02
CA GLU E 100 19.56 -10.89 16.88
C GLU E 100 19.16 -12.31 17.27
N PRO E 101 18.44 -13.02 16.40
CA PRO E 101 17.99 -14.38 16.71
C PRO E 101 19.01 -15.45 16.35
N LYS E 102 18.79 -16.64 16.91
CA LYS E 102 19.42 -17.86 16.44
C LYS E 102 18.47 -18.54 15.46
N VAL E 103 18.99 -18.90 14.30
CA VAL E 103 18.21 -19.52 13.23
C VAL E 103 18.79 -20.89 12.95
N THR E 104 17.94 -21.92 13.03
CA THR E 104 18.33 -23.28 12.68
C THR E 104 17.28 -23.88 11.77
N VAL E 105 17.69 -24.89 10.99
CA VAL E 105 16.79 -25.62 10.11
C VAL E 105 16.99 -27.11 10.35
N TYR E 106 15.88 -27.84 10.44
CA TYR E 106 15.95 -29.28 10.67
C TYR E 106 14.70 -29.96 10.14
N PRO E 107 14.80 -31.22 9.70
CA PRO E 107 13.61 -31.96 9.30
C PRO E 107 12.88 -32.55 10.50
N SER E 108 11.55 -32.55 10.42
CA SER E 108 10.74 -33.09 11.52
C SER E 108 9.40 -33.56 10.97
N LYS E 109 9.03 -34.79 11.31
CA LYS E 109 7.70 -35.35 11.03
C LYS E 109 7.27 -35.22 9.57
N ASN E 117 9.29 -34.96 5.24
CA ASN E 117 7.90 -34.55 5.15
C ASN E 117 7.75 -33.05 5.35
N LEU E 118 8.22 -32.55 6.50
CA LEU E 118 8.22 -31.12 6.79
C LEU E 118 9.64 -30.66 7.10
N LEU E 119 9.98 -29.46 6.65
CA LEU E 119 11.25 -28.82 6.96
C LEU E 119 10.99 -27.60 7.84
N VAL E 120 11.58 -27.58 9.03
CA VAL E 120 11.32 -26.56 10.04
C VAL E 120 12.48 -25.56 10.05
N CYS E 121 12.15 -24.27 10.05
CA CYS E 121 13.11 -23.19 10.28
C CYS E 121 12.71 -22.51 11.58
N SER E 122 13.51 -22.71 12.62
CA SER E 122 13.28 -22.13 13.93
C SER E 122 14.10 -20.85 14.06
N VAL E 123 13.42 -19.75 14.36
CA VAL E 123 14.04 -18.46 14.58
C VAL E 123 13.66 -18.03 15.99
N SER E 124 14.62 -18.05 16.92
CA SER E 124 14.29 -17.77 18.31
C SER E 124 15.19 -16.68 18.86
N GLY E 125 14.69 -15.99 19.88
CA GLY E 125 15.49 -15.00 20.58
C GLY E 125 15.66 -13.68 19.86
N PHE E 126 14.63 -13.22 19.16
CA PHE E 126 14.73 -11.97 18.42
C PHE E 126 13.79 -10.92 18.98
N TYR E 127 14.13 -9.65 18.70
CA TYR E 127 13.34 -8.48 19.07
C TYR E 127 13.78 -7.34 18.17
N PRO E 128 12.84 -6.54 17.62
CA PRO E 128 11.38 -6.58 17.80
C PRO E 128 10.68 -7.72 17.09
N GLY E 129 9.35 -7.67 17.05
CA GLY E 129 8.59 -8.76 16.47
C GLY E 129 8.48 -8.73 14.96
N SER E 130 8.70 -7.57 14.34
CA SER E 130 8.61 -7.47 12.88
C SER E 130 9.72 -8.30 12.25
N ILE E 131 9.35 -9.24 11.38
CA ILE E 131 10.29 -10.21 10.83
C ILE E 131 9.72 -10.74 9.54
N GLU E 132 10.59 -11.29 8.68
CA GLU E 132 10.18 -11.94 7.45
C GLU E 132 10.99 -13.21 7.27
N VAL E 133 10.30 -14.35 7.16
CA VAL E 133 10.94 -15.64 6.93
C VAL E 133 10.50 -16.15 5.56
N ARG E 134 11.48 -16.56 4.75
CA ARG E 134 11.23 -17.02 3.39
C ARG E 134 11.92 -18.36 3.18
N TRP E 135 11.32 -19.21 2.35
CA TRP E 135 11.89 -20.50 1.99
C TRP E 135 12.32 -20.49 0.54
N PHE E 136 13.44 -21.14 0.25
CA PHE E 136 13.98 -21.21 -1.10
C PHE E 136 14.39 -22.65 -1.41
N ARG E 137 13.96 -23.15 -2.56
CA ARG E 137 14.39 -24.44 -3.08
C ARG E 137 15.31 -24.20 -4.27
N ASN E 138 16.58 -24.58 -4.12
CA ASN E 138 17.59 -24.41 -5.16
C ASN E 138 17.67 -22.96 -5.63
N GLY E 139 17.65 -22.04 -4.67
CA GLY E 139 17.80 -20.62 -4.93
C GLY E 139 16.57 -19.91 -5.45
N GLN E 140 15.42 -20.59 -5.53
CA GLN E 140 14.17 -19.99 -5.97
C GLN E 140 13.14 -20.13 -4.87
N GLU E 141 12.44 -19.04 -4.57
CA GLU E 141 11.54 -19.01 -3.43
C GLU E 141 10.36 -19.96 -3.63
N GLU E 142 10.09 -20.78 -2.62
CA GLU E 142 8.94 -21.69 -2.59
C GLU E 142 7.92 -21.11 -1.62
N LYS E 143 6.87 -20.50 -2.14
CA LYS E 143 5.82 -19.95 -1.31
C LYS E 143 4.71 -20.96 -1.00
N ALA E 144 4.55 -21.99 -1.85
CA ALA E 144 3.49 -22.96 -1.62
C ALA E 144 3.84 -23.88 -0.45
N GLY E 145 2.85 -24.12 0.40
CA GLY E 145 3.02 -25.02 1.54
C GLY E 145 3.90 -24.51 2.66
N VAL E 146 3.80 -23.23 3.00
CA VAL E 146 4.54 -22.66 4.13
C VAL E 146 3.53 -22.34 5.23
N VAL E 147 3.78 -22.86 6.43
CA VAL E 147 2.91 -22.64 7.57
C VAL E 147 3.75 -22.16 8.75
N SER E 148 3.30 -21.11 9.41
CA SER E 148 4.02 -20.52 10.53
C SER E 148 3.18 -20.60 11.80
N THR E 149 3.87 -20.71 12.93
CA THR E 149 3.22 -20.65 14.23
C THR E 149 2.90 -19.22 14.65
N GLY E 150 3.31 -18.21 13.87
CA GLY E 150 3.09 -16.84 14.26
C GLY E 150 4.13 -16.36 15.24
N LEU E 151 3.97 -15.11 15.67
CA LEU E 151 4.88 -14.53 16.65
C LEU E 151 4.54 -15.09 18.03
N ILE E 152 5.52 -15.70 18.69
CA ILE E 152 5.36 -16.26 20.02
C ILE E 152 6.11 -15.35 20.98
N GLN E 153 5.41 -14.86 21.99
CA GLN E 153 5.99 -13.95 22.98
C GLN E 153 6.49 -14.74 24.17
N ASN E 154 7.79 -14.69 24.41
CA ASN E 154 8.40 -15.43 25.52
C ASN E 154 8.24 -14.73 26.85
N GLY E 155 7.85 -13.45 26.86
CA GLY E 155 7.69 -12.70 28.08
C GLY E 155 8.95 -12.03 28.61
N ASP E 156 10.10 -12.24 27.97
CA ASP E 156 11.35 -11.63 28.37
C ASP E 156 11.88 -10.70 27.30
N TRP E 157 10.98 -10.00 26.60
CA TRP E 157 11.35 -9.11 25.49
C TRP E 157 12.00 -9.87 24.34
N THR E 158 11.61 -11.12 24.12
CA THR E 158 12.08 -11.90 22.98
C THR E 158 10.91 -12.61 22.32
N PHE E 159 11.08 -12.93 21.05
CA PHE E 159 10.10 -13.67 20.29
C PHE E 159 10.74 -14.94 19.73
N GLN E 160 9.90 -15.91 19.38
CA GLN E 160 10.33 -17.10 18.69
C GLN E 160 9.27 -17.47 17.66
N THR E 161 9.69 -18.22 16.65
CA THR E 161 8.76 -18.64 15.61
C THR E 161 9.30 -19.85 14.88
N LEU E 162 8.37 -20.68 14.41
CA LEU E 162 8.66 -21.79 13.52
C LEU E 162 8.03 -21.49 12.17
N VAL E 163 8.79 -21.72 11.10
CA VAL E 163 8.26 -21.62 9.74
C VAL E 163 8.55 -22.94 9.05
N MET E 164 7.51 -23.67 8.68
CA MET E 164 7.65 -25.02 8.15
C MET E 164 7.23 -25.05 6.70
N LEU E 165 7.97 -25.84 5.92
CA LEU E 165 7.71 -26.05 4.50
C LEU E 165 7.33 -27.50 4.27
N GLU E 166 6.20 -27.73 3.61
CA GLU E 166 5.81 -29.06 3.18
C GLU E 166 6.61 -29.41 1.93
N THR E 167 7.42 -30.46 2.02
CA THR E 167 8.29 -30.80 0.90
C THR E 167 8.77 -32.24 1.03
N VAL E 168 9.01 -32.86 -0.12
CA VAL E 168 9.64 -34.17 -0.19
C VAL E 168 11.09 -33.95 -0.59
N PRO E 169 12.03 -33.93 0.35
CA PRO E 169 13.41 -33.57 0.01
C PRO E 169 14.04 -34.58 -0.95
N ARG E 170 14.65 -34.06 -2.00
CA ARG E 170 15.38 -34.87 -2.97
C ARG E 170 16.86 -34.89 -2.63
N SER E 171 17.52 -35.99 -2.99
CA SER E 171 18.96 -36.11 -2.77
C SER E 171 19.69 -35.10 -3.65
N GLY E 172 20.48 -34.22 -3.00
CA GLY E 172 21.28 -33.24 -3.69
C GLY E 172 20.75 -31.82 -3.58
N GLU E 173 19.43 -31.67 -3.40
CA GLU E 173 18.85 -30.34 -3.31
C GLU E 173 19.35 -29.60 -2.07
N VAL E 174 19.34 -28.28 -2.16
CA VAL E 174 19.81 -27.40 -1.09
C VAL E 174 18.69 -26.43 -0.77
N TYR E 175 18.12 -26.54 0.43
CA TYR E 175 17.07 -25.65 0.87
C TYR E 175 17.67 -24.49 1.67
N THR E 176 17.01 -23.34 1.61
CA THR E 176 17.53 -22.16 2.28
C THR E 176 16.40 -21.43 3.01
N CYS E 177 16.58 -21.20 4.30
CA CYS E 177 15.71 -20.33 5.07
C CYS E 177 16.36 -18.97 5.16
N GLN E 178 15.60 -17.92 4.84
CA GLN E 178 16.11 -16.56 4.83
C GLN E 178 15.28 -15.69 5.77
N VAL E 179 15.96 -15.00 6.69
CA VAL E 179 15.31 -14.23 7.74
C VAL E 179 15.74 -12.77 7.62
N GLU E 180 14.77 -11.89 7.42
CA GLU E 180 14.97 -10.45 7.43
C GLU E 180 14.42 -9.88 8.73
N HIS E 181 15.27 -9.18 9.48
CA HIS E 181 14.94 -8.67 10.80
C HIS E 181 15.73 -7.39 11.06
N PRO E 182 15.15 -6.42 11.77
CA PRO E 182 15.85 -5.13 11.98
C PRO E 182 17.16 -5.24 12.75
N SER E 183 17.48 -6.39 13.35
CA SER E 183 18.73 -6.52 14.09
C SER E 183 19.93 -6.82 13.20
N VAL E 184 19.72 -7.11 11.92
CA VAL E 184 20.80 -7.44 10.99
C VAL E 184 20.64 -6.62 9.73
N THR E 185 21.75 -6.03 9.26
CA THR E 185 21.72 -5.23 8.04
C THR E 185 21.61 -6.09 6.80
N SER E 186 22.03 -7.35 6.87
CA SER E 186 21.90 -8.31 5.79
C SER E 186 21.06 -9.49 6.24
N PRO E 187 20.17 -10.01 5.39
CA PRO E 187 19.31 -11.12 5.80
C PRO E 187 20.13 -12.35 6.17
N LEU E 188 19.75 -12.99 7.28
CA LEU E 188 20.41 -14.22 7.68
C LEU E 188 19.95 -15.34 6.76
N THR E 189 20.89 -16.22 6.39
CA THR E 189 20.57 -17.36 5.55
C THR E 189 21.10 -18.63 6.20
N VAL E 190 20.27 -19.67 6.25
CA VAL E 190 20.68 -20.97 6.76
C VAL E 190 20.32 -22.01 5.73
N GLU E 191 21.28 -22.84 5.35
CA GLU E 191 21.09 -23.84 4.31
C GLU E 191 21.06 -25.24 4.90
N TRP E 192 20.27 -26.09 4.25
CA TRP E 192 20.17 -27.51 4.61
C TRP E 192 20.32 -28.32 3.33
N ARG E 193 21.34 -29.17 3.30
CA ARG E 193 21.63 -30.00 2.14
C ARG E 193 20.95 -31.36 2.30
N ALA E 194 20.02 -31.67 1.40
CA ALA E 194 19.29 -32.92 1.46
C ALA E 194 20.09 -34.06 0.83
N THR F 1 21.71 8.10 35.56
CA THR F 1 20.51 7.50 35.00
C THR F 1 19.36 8.50 34.93
N GLN F 2 18.72 8.61 33.77
CA GLN F 2 17.58 9.48 33.62
C GLN F 2 16.37 8.89 34.36
N LEU F 3 15.59 9.77 34.98
CA LEU F 3 14.56 9.36 35.93
C LEU F 3 13.24 9.14 35.21
N LYS F 4 12.72 7.92 35.29
CA LYS F 4 11.39 7.61 34.76
C LYS F 4 10.33 8.22 35.66
N ARG F 5 9.30 8.82 35.05
CA ARG F 5 8.26 9.52 35.78
C ARG F 5 6.96 8.73 35.76
N ALA F 6 6.13 8.98 36.77
CA ALA F 6 4.85 8.32 36.94
C ALA F 6 3.77 9.33 37.29
N LEU F 7 2.61 9.17 36.66
CA LEU F 7 1.44 9.94 37.07
C LEU F 7 0.80 9.28 38.29
N THR F 8 0.20 10.11 39.13
CA THR F 8 -0.41 9.66 40.38
C THR F 8 -1.93 9.79 40.28
N GLY F 9 -2.63 8.72 40.67
CA GLY F 9 -4.08 8.74 40.61
C GLY F 9 -4.68 9.81 41.51
N ILE F 10 -5.87 10.26 41.15
CA ILE F 10 -6.57 11.30 41.88
C ILE F 10 -7.63 10.66 42.76
N ALA F 11 -7.88 11.27 43.91
CA ALA F 11 -8.94 10.79 44.79
C ALA F 11 -10.30 10.97 44.12
N VAL F 12 -11.10 9.91 44.15
CA VAL F 12 -12.45 9.95 43.60
C VAL F 12 -13.34 10.78 44.50
N GLU F 13 -14.54 11.12 44.03
CA GLU F 13 -15.46 11.90 44.85
C GLU F 13 -15.90 11.09 46.06
N GLN F 14 -15.41 11.49 47.25
CA GLN F 14 -15.68 10.78 48.50
C GLN F 14 -17.16 10.79 48.81
N ASP F 15 -17.93 11.54 48.01
CA ASP F 15 -19.37 11.66 48.17
C ASP F 15 -19.72 12.14 49.58
N LYS G 3 -5.33 36.44 4.83
CA LYS G 3 -6.18 35.37 4.33
C LYS G 3 -5.37 34.31 3.60
N GLU G 4 -4.65 34.72 2.57
CA GLU G 4 -3.83 33.83 1.76
C GLU G 4 -2.41 34.35 1.68
N GLU G 5 -1.44 33.44 1.69
CA GLU G 5 -0.04 33.81 1.55
C GLU G 5 0.59 32.89 0.50
N HIS G 6 1.18 33.49 -0.54
CA HIS G 6 1.86 32.77 -1.60
C HIS G 6 3.28 33.29 -1.79
N VAL G 7 4.16 32.42 -2.26
CA VAL G 7 5.56 32.75 -2.48
C VAL G 7 5.97 32.23 -3.85
N ILE G 8 6.46 33.11 -4.71
CA ILE G 8 7.04 32.75 -6.00
C ILE G 8 8.54 32.94 -5.93
N ILE G 9 9.29 31.90 -6.27
CA ILE G 9 10.75 31.90 -6.14
C ILE G 9 11.37 31.63 -7.49
N GLN G 10 12.25 32.52 -7.93
CA GLN G 10 13.11 32.27 -9.09
C GLN G 10 14.42 31.69 -8.59
N ALA G 11 14.63 30.39 -8.79
CA ALA G 11 15.78 29.67 -8.27
C ALA G 11 16.70 29.27 -9.41
N GLU G 12 17.95 29.70 -9.34
CA GLU G 12 18.94 29.34 -10.34
C GLU G 12 20.25 28.99 -9.64
N PHE G 13 21.02 28.11 -10.26
CA PHE G 13 22.33 27.77 -9.70
C PHE G 13 23.30 27.35 -10.81
N TYR G 14 24.58 27.45 -10.48
CA TYR G 14 25.68 26.95 -11.29
C TYR G 14 26.67 26.19 -10.41
N LEU G 15 27.18 25.07 -10.94
CA LEU G 15 28.03 24.17 -10.18
C LEU G 15 29.28 23.82 -10.98
N ASN G 16 30.45 23.93 -10.32
CA ASN G 16 31.77 23.56 -10.77
C ASN G 16 32.31 22.40 -9.94
N PRO G 17 33.15 21.53 -10.53
CA PRO G 17 33.62 21.60 -11.92
C PRO G 17 32.65 20.95 -12.90
N ASP G 18 31.47 20.58 -12.42
CA ASP G 18 30.48 19.95 -13.28
C ASP G 18 30.01 20.87 -14.39
N GLN G 19 30.11 22.19 -14.19
CA GLN G 19 29.59 23.17 -15.15
C GLN G 19 28.11 22.93 -15.41
N SER G 20 27.37 22.65 -14.35
CA SER G 20 25.94 22.39 -14.44
C SER G 20 25.17 23.66 -14.08
N GLY G 21 24.13 23.95 -14.86
CA GLY G 21 23.31 25.12 -14.61
C GLY G 21 21.84 24.79 -14.60
N GLU G 22 21.10 25.51 -13.77
CA GLU G 22 19.65 25.36 -13.70
C GLU G 22 18.98 26.69 -13.43
N PHE G 23 17.79 26.84 -14.01
CA PHE G 23 16.95 28.04 -13.88
C PHE G 23 15.52 27.55 -13.83
N MET G 24 14.80 27.89 -12.75
CA MET G 24 13.45 27.39 -12.58
C MET G 24 12.62 28.37 -11.76
N PHE G 25 11.31 28.24 -11.87
CA PHE G 25 10.36 29.00 -11.07
C PHE G 25 9.58 28.05 -10.18
N ASP G 26 9.31 28.50 -8.95
CA ASP G 26 8.64 27.71 -7.94
C ASP G 26 7.47 28.51 -7.40
N PHE G 27 6.32 27.87 -7.26
CA PHE G 27 5.14 28.47 -6.67
C PHE G 27 4.67 27.59 -5.52
N ASP G 28 4.87 28.07 -4.29
CA ASP G 28 4.39 27.38 -3.08
C ASP G 28 4.89 25.94 -3.03
N GLY G 29 6.15 25.75 -3.41
CA GLY G 29 6.79 24.45 -3.34
C GLY G 29 6.67 23.62 -4.59
N ASP G 30 5.91 24.07 -5.58
CA ASP G 30 5.75 23.36 -6.85
C ASP G 30 6.45 24.12 -7.96
N GLU G 31 7.07 23.38 -8.87
CA GLU G 31 7.75 23.99 -9.99
C GLU G 31 6.74 24.49 -11.02
N ILE G 32 6.89 25.75 -11.44
CA ILE G 32 6.12 26.24 -12.58
C ILE G 32 6.76 25.79 -13.89
N PHE G 33 8.06 26.03 -14.04
CA PHE G 33 8.80 25.61 -15.21
C PHE G 33 10.28 25.63 -14.87
N HIS G 34 11.08 25.02 -15.74
CA HIS G 34 12.52 25.18 -15.73
C HIS G 34 12.98 25.40 -17.17
N VAL G 35 14.27 25.68 -17.35
CA VAL G 35 14.82 25.94 -18.68
C VAL G 35 15.84 24.86 -19.02
N ASP G 36 15.54 24.08 -20.06
CA ASP G 36 16.50 23.14 -20.61
C ASP G 36 17.62 23.92 -21.30
N MET G 37 18.83 23.82 -20.72
CA MET G 37 19.98 24.56 -21.21
C MET G 37 20.50 24.01 -22.52
N ALA G 38 20.56 22.68 -22.66
CA ALA G 38 21.02 22.08 -23.90
C ALA G 38 20.13 22.47 -25.08
N LYS G 39 18.83 22.39 -24.90
CA LYS G 39 17.89 22.75 -25.95
C LYS G 39 17.43 24.20 -25.87
N LYS G 40 17.79 24.90 -24.79
CA LYS G 40 17.41 26.30 -24.59
C LYS G 40 15.91 26.50 -24.75
N GLU G 41 15.15 25.77 -23.94
CA GLU G 41 13.70 25.78 -24.10
C GLU G 41 13.02 25.79 -22.73
N THR G 42 11.83 26.39 -22.70
CA THR G 42 11.03 26.43 -21.48
C THR G 42 10.26 25.13 -21.33
N VAL G 43 10.55 24.39 -20.26
CA VAL G 43 9.87 23.14 -19.96
C VAL G 43 8.94 23.42 -18.79
N TRP G 44 7.64 23.44 -19.06
CA TRP G 44 6.65 23.69 -18.02
C TRP G 44 6.40 22.40 -17.25
N ARG G 45 6.32 22.51 -15.92
CA ARG G 45 6.12 21.33 -15.10
C ARG G 45 4.78 20.67 -15.43
N LEU G 46 3.75 21.47 -15.64
CA LEU G 46 2.47 21.00 -16.15
C LEU G 46 2.36 21.52 -17.57
N GLU G 47 2.20 20.60 -18.53
CA GLU G 47 2.20 20.98 -19.94
C GLU G 47 1.15 22.04 -20.24
N GLU G 48 -0.01 21.94 -19.59
CA GLU G 48 -1.10 22.89 -19.83
C GLU G 48 -0.67 24.33 -19.55
N PHE G 49 0.31 24.53 -18.65
CA PHE G 49 0.81 25.87 -18.38
C PHE G 49 1.26 26.58 -19.64
N GLY G 50 1.76 25.84 -20.63
CA GLY G 50 2.20 26.48 -21.86
C GLY G 50 1.09 27.17 -22.62
N ARG G 51 -0.17 26.80 -22.34
CA ARG G 51 -1.32 27.43 -22.96
C ARG G 51 -1.76 28.71 -22.26
N PHE G 52 -1.22 29.01 -21.08
CA PHE G 52 -1.61 30.20 -20.33
C PHE G 52 -0.54 31.28 -20.30
N ALA G 53 0.75 30.91 -20.36
CA ALA G 53 1.83 31.86 -20.20
C ALA G 53 3.00 31.45 -21.09
N SER G 54 4.00 32.33 -21.17
CA SER G 54 5.21 32.06 -21.92
C SER G 54 6.40 32.63 -21.17
N PHE G 55 7.60 32.20 -21.58
CA PHE G 55 8.84 32.67 -20.97
C PHE G 55 9.96 32.48 -21.98
N GLU G 56 10.81 33.50 -22.13
CA GLU G 56 11.93 33.46 -23.07
C GLU G 56 13.14 32.82 -22.38
N ALA G 57 13.53 31.63 -22.84
CA ALA G 57 14.63 30.90 -22.22
C ALA G 57 15.98 31.58 -22.39
N GLN G 58 16.13 32.44 -23.41
CA GLN G 58 17.39 33.14 -23.63
C GLN G 58 17.81 33.92 -22.39
N GLY G 59 16.85 34.58 -21.74
CA GLY G 59 17.16 35.29 -20.50
C GLY G 59 17.71 34.37 -19.44
N ALA G 60 17.16 33.16 -19.32
CA ALA G 60 17.69 32.19 -18.38
C ALA G 60 19.13 31.83 -18.71
N LEU G 61 19.43 31.63 -20.00
CA LEU G 61 20.80 31.34 -20.40
C LEU G 61 21.75 32.48 -19.98
N ALA G 62 21.34 33.73 -20.24
CA ALA G 62 22.17 34.87 -19.83
C ALA G 62 22.40 34.88 -18.33
N ASN G 63 21.33 34.68 -17.56
CA ASN G 63 21.45 34.61 -16.11
C ASN G 63 22.42 33.51 -15.69
N ILE G 64 22.38 32.36 -16.35
CA ILE G 64 23.27 31.26 -16.00
C ILE G 64 24.72 31.63 -16.29
N ALA G 65 24.96 32.34 -17.39
CA ALA G 65 26.31 32.84 -17.65
C ALA G 65 26.79 33.72 -16.50
N VAL G 66 25.93 34.65 -16.08
CA VAL G 66 26.28 35.53 -14.95
C VAL G 66 26.56 34.70 -13.69
N ASP G 67 25.72 33.69 -13.44
CA ASP G 67 25.92 32.82 -12.27
C ASP G 67 27.26 32.10 -12.34
N LYS G 68 27.64 31.60 -13.51
CA LYS G 68 28.94 30.96 -13.68
C LYS G 68 30.07 31.92 -13.32
N ALA G 69 30.02 33.14 -13.86
CA ALA G 69 31.03 34.13 -13.54
C ALA G 69 31.10 34.40 -12.04
N ASN G 70 29.93 34.63 -11.42
CA ASN G 70 29.90 34.90 -9.98
C ASN G 70 30.41 33.71 -9.17
N LEU G 71 30.07 32.49 -9.60
CA LEU G 71 30.57 31.30 -8.90
C LEU G 71 32.08 31.26 -8.92
N GLU G 72 32.68 31.51 -10.08
CA GLU G 72 34.15 31.50 -10.14
C GLU G 72 34.75 32.60 -9.26
N ILE G 73 34.16 33.80 -9.31
CA ILE G 73 34.65 34.90 -8.48
C ILE G 73 34.58 34.53 -7.00
N MET G 74 33.43 34.00 -6.57
CA MET G 74 33.25 33.67 -5.15
C MET G 74 34.13 32.48 -4.74
N THR G 75 34.32 31.51 -5.63
CA THR G 75 35.24 30.41 -5.37
C THR G 75 36.64 30.93 -5.09
N LYS G 76 37.10 31.90 -5.89
CA LYS G 76 38.42 32.46 -5.62
C LYS G 76 38.41 33.31 -4.35
N ARG G 77 37.31 34.00 -4.07
CA ARG G 77 37.24 34.86 -2.89
C ARG G 77 37.29 34.03 -1.61
N SER G 78 36.63 32.87 -1.60
CA SER G 78 36.63 31.99 -0.44
C SER G 78 37.90 31.16 -0.32
N ASN G 79 38.94 31.49 -1.09
CA ASN G 79 40.17 30.70 -1.12
C ASN G 79 39.88 29.24 -1.45
N TYR G 80 38.94 29.02 -2.39
CA TYR G 80 38.60 27.70 -2.89
C TYR G 80 38.06 26.80 -1.76
N THR G 81 37.16 27.34 -0.97
CA THR G 81 36.47 26.55 0.05
C THR G 81 35.34 25.77 -0.61
N PRO G 82 35.35 24.44 -0.55
CA PRO G 82 34.32 23.65 -1.25
C PRO G 82 33.07 23.51 -0.42
N ILE G 83 32.01 23.02 -1.08
CA ILE G 83 30.77 22.72 -0.40
C ILE G 83 30.95 21.44 0.43
N THR G 84 30.22 21.35 1.54
CA THR G 84 30.21 20.15 2.35
C THR G 84 29.07 19.25 1.88
N ASN G 85 29.40 18.01 1.54
CA ASN G 85 28.40 17.07 1.07
C ASN G 85 27.35 16.83 2.15
N VAL G 86 26.08 16.95 1.77
CA VAL G 86 24.97 16.65 2.66
C VAL G 86 24.19 15.48 2.06
N PRO G 87 24.20 14.32 2.70
CA PRO G 87 23.56 13.15 2.11
C PRO G 87 22.05 13.30 2.14
N PRO G 88 21.35 12.66 1.20
CA PRO G 88 19.89 12.81 1.12
C PRO G 88 19.12 11.82 1.97
N GLU G 89 17.87 12.18 2.25
CA GLU G 89 16.85 11.25 2.74
C GLU G 89 16.00 10.80 1.56
N VAL G 90 15.71 9.52 1.50
CA VAL G 90 15.00 8.94 0.36
C VAL G 90 13.73 8.29 0.87
N THR G 91 12.60 8.62 0.22
CA THR G 91 11.31 8.05 0.58
C THR G 91 10.62 7.50 -0.66
N VAL G 92 10.13 6.26 -0.57
CA VAL G 92 9.34 5.66 -1.64
C VAL G 92 7.87 5.72 -1.23
N LEU G 93 7.02 6.15 -2.16
CA LEU G 93 5.60 6.37 -1.89
C LEU G 93 4.80 5.95 -3.12
N THR G 94 3.48 5.94 -2.95
CA THR G 94 2.56 5.67 -4.04
C THR G 94 1.69 6.90 -4.28
N ASN G 95 1.30 7.09 -5.54
CA ASN G 95 0.43 8.22 -5.88
C ASN G 95 -0.90 8.12 -5.15
N SER G 96 -1.39 6.90 -4.96
CA SER G 96 -2.66 6.65 -4.30
C SER G 96 -2.57 5.30 -3.62
N PRO G 97 -3.59 4.93 -2.84
CA PRO G 97 -3.64 3.55 -2.33
C PRO G 97 -3.51 2.56 -3.47
N VAL G 98 -2.78 1.47 -3.22
CA VAL G 98 -2.52 0.49 -4.26
C VAL G 98 -3.66 -0.52 -4.29
N GLU G 99 -4.16 -0.80 -5.48
CA GLU G 99 -5.17 -1.82 -5.70
C GLU G 99 -4.76 -2.65 -6.91
N LEU G 100 -4.94 -3.96 -6.81
CA LEU G 100 -4.54 -4.86 -7.88
C LEU G 100 -5.24 -4.50 -9.19
N ARG G 101 -4.50 -4.58 -10.28
CA ARG G 101 -4.95 -4.30 -11.65
C ARG G 101 -5.29 -2.84 -11.87
N GLU G 102 -4.97 -1.95 -10.92
CA GLU G 102 -5.26 -0.54 -11.05
C GLU G 102 -3.97 0.25 -11.16
N PRO G 103 -3.73 0.95 -12.28
CA PRO G 103 -2.43 1.59 -12.50
C PRO G 103 -2.08 2.57 -11.39
N ASN G 104 -0.79 2.67 -11.09
CA ASN G 104 -0.33 3.56 -10.03
C ASN G 104 1.07 4.05 -10.38
N VAL G 105 1.59 4.95 -9.54
CA VAL G 105 2.92 5.53 -9.73
C VAL G 105 3.71 5.39 -8.45
N LEU G 106 4.92 4.83 -8.56
CA LEU G 106 5.87 4.85 -7.47
C LEU G 106 6.66 6.15 -7.52
N ILE G 107 6.71 6.86 -6.41
CA ILE G 107 7.39 8.14 -6.29
C ILE G 107 8.61 7.94 -5.39
N CYS G 108 9.78 8.26 -5.90
CA CYS G 108 11.00 8.28 -5.11
C CYS G 108 11.35 9.74 -4.86
N PHE G 109 11.23 10.16 -3.60
CA PHE G 109 11.47 11.53 -3.18
C PHE G 109 12.85 11.60 -2.51
N ILE G 110 13.77 12.31 -3.15
CA ILE G 110 15.11 12.52 -2.63
C ILE G 110 15.15 13.93 -2.05
N ASP G 111 15.59 14.06 -0.80
CA ASP G 111 15.36 15.29 -0.06
C ASP G 111 16.60 15.65 0.75
N LYS G 112 16.79 16.97 0.93
CA LYS G 112 17.76 17.49 1.90
C LYS G 112 19.19 17.04 1.55
N PHE G 113 19.62 17.38 0.33
CA PHE G 113 20.94 17.00 -0.11
C PHE G 113 21.58 18.16 -0.86
N THR G 114 22.92 18.15 -0.89
CA THR G 114 23.73 19.08 -1.65
C THR G 114 25.14 18.53 -1.74
N PRO G 115 25.88 18.77 -2.83
CA PRO G 115 25.54 19.53 -4.04
C PRO G 115 24.47 18.85 -4.90
N PRO G 116 23.85 19.60 -5.83
CA PRO G 116 22.77 19.03 -6.67
C PRO G 116 23.29 18.11 -7.78
N VAL G 117 23.86 16.99 -7.37
CA VAL G 117 24.27 15.92 -8.28
C VAL G 117 23.92 14.60 -7.61
N VAL G 118 23.06 13.82 -8.27
CA VAL G 118 22.56 12.58 -7.70
C VAL G 118 22.40 11.57 -8.83
N ASN G 119 22.50 10.29 -8.50
CA ASN G 119 22.30 9.23 -9.48
C ASN G 119 21.18 8.32 -8.96
N VAL G 120 20.03 8.33 -9.64
CA VAL G 120 18.84 7.64 -9.17
C VAL G 120 18.48 6.55 -10.18
N THR G 121 18.25 5.34 -9.67
CA THR G 121 17.87 4.20 -10.51
C THR G 121 16.68 3.48 -9.90
N TRP G 122 15.70 3.16 -10.74
CA TRP G 122 14.60 2.29 -10.33
C TRP G 122 14.99 0.85 -10.60
N LEU G 123 14.67 -0.05 -9.68
CA LEU G 123 14.97 -1.46 -9.79
C LEU G 123 13.67 -2.25 -9.63
N ARG G 124 13.22 -2.87 -10.71
CA ARG G 124 12.08 -3.79 -10.67
C ARG G 124 12.62 -5.21 -10.65
N ASN G 125 12.33 -5.94 -9.56
CA ASN G 125 12.83 -7.31 -9.37
C ASN G 125 14.35 -7.38 -9.54
N GLY G 126 15.04 -6.34 -9.12
CA GLY G 126 16.48 -6.26 -9.22
C GLY G 126 17.01 -5.68 -10.51
N LYS G 127 16.21 -5.69 -11.58
CA LYS G 127 16.74 -5.17 -12.84
C LYS G 127 16.44 -3.69 -12.97
N PRO G 128 17.39 -2.91 -13.48
CA PRO G 128 17.15 -1.46 -13.64
C PRO G 128 16.07 -1.20 -14.67
N VAL G 129 15.29 -0.15 -14.42
CA VAL G 129 14.21 0.27 -15.31
C VAL G 129 14.66 1.54 -16.00
N THR G 130 14.62 1.52 -17.33
CA THR G 130 15.12 2.63 -18.14
C THR G 130 14.05 3.29 -19.00
N THR G 131 12.94 2.61 -19.27
CA THR G 131 11.88 3.16 -20.10
C THR G 131 10.68 3.52 -19.23
N GLY G 132 10.00 4.59 -19.61
CA GLY G 132 8.80 5.04 -18.94
C GLY G 132 9.00 5.76 -17.62
N VAL G 133 10.23 5.87 -17.14
CA VAL G 133 10.49 6.59 -15.90
C VAL G 133 10.57 8.07 -16.20
N SER G 134 10.21 8.89 -15.23
CA SER G 134 10.30 10.33 -15.36
C SER G 134 10.92 10.92 -14.11
N GLU G 135 11.37 12.18 -14.20
CA GLU G 135 12.00 12.80 -13.06
C GLU G 135 11.87 14.32 -13.16
N THR G 136 12.05 14.97 -12.02
CA THR G 136 12.05 16.42 -11.95
C THR G 136 13.48 16.94 -11.84
N VAL G 137 13.63 18.25 -12.05
CA VAL G 137 14.91 18.92 -11.84
C VAL G 137 15.16 19.04 -10.34
N PHE G 138 16.29 19.63 -9.97
CA PHE G 138 16.62 19.84 -8.57
C PHE G 138 15.80 21.02 -8.04
N LEU G 139 14.94 20.75 -7.07
CA LEU G 139 13.99 21.71 -6.51
C LEU G 139 14.56 22.39 -5.27
N PRO G 140 14.25 23.67 -5.08
CA PRO G 140 14.89 24.43 -4.00
C PRO G 140 14.25 24.18 -2.63
N ARG G 141 15.05 24.38 -1.60
CA ARG G 141 14.61 24.27 -0.22
C ARG G 141 14.98 25.55 0.54
N GLU G 142 14.26 25.79 1.63
CA GLU G 142 14.52 27.00 2.42
C GLU G 142 15.88 26.94 3.10
N ASP G 143 16.37 25.74 3.40
CA ASP G 143 17.71 25.58 3.93
C ASP G 143 18.75 25.44 2.83
N HIS G 144 18.39 25.79 1.60
CA HIS G 144 19.28 25.81 0.44
C HIS G 144 19.82 24.44 0.07
N LEU G 145 19.23 23.38 0.62
CA LEU G 145 19.46 22.02 0.12
C LEU G 145 18.58 21.80 -1.09
N PHE G 146 18.43 20.55 -1.54
CA PHE G 146 17.69 20.28 -2.76
C PHE G 146 16.72 19.12 -2.57
N ARG G 147 15.71 19.11 -3.44
CA ARG G 147 14.72 18.05 -3.54
C ARG G 147 14.69 17.53 -4.97
N LYS G 148 14.17 16.32 -5.14
CA LYS G 148 14.04 15.72 -6.45
C LYS G 148 12.98 14.63 -6.39
N PHE G 149 12.22 14.49 -7.47
CA PHE G 149 11.18 13.48 -7.57
C PHE G 149 11.47 12.57 -8.77
N HIS G 150 11.32 11.26 -8.56
CA HIS G 150 11.39 10.29 -9.64
C HIS G 150 10.11 9.47 -9.66
N TYR G 151 9.59 9.19 -10.86
CA TYR G 151 8.28 8.59 -11.03
C TYR G 151 8.39 7.34 -11.90
N LEU G 152 7.72 6.27 -11.46
CA LEU G 152 7.69 5.00 -12.19
C LEU G 152 6.26 4.48 -12.26
N PRO G 153 5.63 4.46 -13.43
CA PRO G 153 4.29 3.86 -13.55
C PRO G 153 4.34 2.35 -13.46
N PHE G 154 3.31 1.76 -12.85
CA PHE G 154 3.29 0.31 -12.73
C PHE G 154 1.87 -0.20 -12.49
N LEU G 155 1.69 -1.50 -12.77
CA LEU G 155 0.51 -2.25 -12.40
C LEU G 155 0.81 -3.06 -11.15
N PRO G 156 0.15 -2.80 -10.02
CA PRO G 156 0.49 -3.52 -8.79
C PRO G 156 0.29 -5.02 -8.95
N SER G 157 1.19 -5.78 -8.33
CA SER G 157 1.12 -7.24 -8.36
C SER G 157 1.85 -7.77 -7.13
N THR G 158 1.48 -8.98 -6.74
CA THR G 158 2.10 -9.62 -5.59
C THR G 158 3.48 -10.20 -5.90
N GLU G 159 3.85 -10.29 -7.18
CA GLU G 159 5.12 -10.93 -7.53
C GLU G 159 6.27 -9.95 -7.62
N ASP G 160 6.02 -8.68 -7.95
CA ASP G 160 7.09 -7.73 -8.20
C ASP G 160 7.51 -7.02 -6.92
N VAL G 161 8.80 -6.71 -6.84
CA VAL G 161 9.37 -5.92 -5.77
C VAL G 161 10.12 -4.77 -6.42
N TYR G 162 10.19 -3.63 -5.73
CA TYR G 162 10.79 -2.44 -6.29
C TYR G 162 11.80 -1.85 -5.32
N ASP G 163 12.80 -1.18 -5.88
CA ASP G 163 13.80 -0.48 -5.10
C ASP G 163 14.13 0.84 -5.79
N CYS G 164 14.35 1.88 -4.99
CA CYS G 164 14.92 3.13 -5.46
C CYS G 164 16.35 3.18 -4.96
N ARG G 165 17.30 3.26 -5.88
CA ARG G 165 18.72 3.26 -5.57
C ARG G 165 19.27 4.66 -5.83
N VAL G 166 19.77 5.29 -4.77
CA VAL G 166 20.22 6.68 -4.81
C VAL G 166 21.70 6.72 -4.46
N GLU G 167 22.50 7.32 -5.35
CA GLU G 167 23.92 7.51 -5.13
C GLU G 167 24.22 9.00 -5.03
N HIS G 168 24.98 9.37 -4.01
CA HIS G 168 25.34 10.74 -3.74
C HIS G 168 26.69 10.77 -3.04
N TRP G 169 27.46 11.83 -3.28
CA TRP G 169 28.82 11.90 -2.73
C TRP G 169 28.83 11.91 -1.20
N GLY G 170 27.73 12.32 -0.56
CA GLY G 170 27.65 12.29 0.89
C GLY G 170 27.33 10.94 1.50
N LEU G 171 26.99 9.96 0.67
CA LEU G 171 26.63 8.63 1.14
C LEU G 171 27.85 7.72 1.19
N ASP G 172 27.94 6.93 2.26
CA ASP G 172 28.99 5.92 2.35
C ASP G 172 28.79 4.82 1.31
N GLU G 173 27.54 4.47 1.03
CA GLU G 173 27.20 3.45 0.06
C GLU G 173 25.87 3.82 -0.58
N PRO G 174 25.57 3.28 -1.77
CA PRO G 174 24.28 3.58 -2.39
C PRO G 174 23.12 3.23 -1.46
N LEU G 175 22.12 4.11 -1.45
CA LEU G 175 20.97 3.98 -0.56
C LEU G 175 19.83 3.32 -1.31
N LEU G 176 19.42 2.15 -0.84
CA LEU G 176 18.30 1.41 -1.42
C LEU G 176 17.07 1.61 -0.54
N LYS G 177 15.95 1.93 -1.17
CA LYS G 177 14.68 2.05 -0.47
C LYS G 177 13.68 1.12 -1.15
N HIS G 178 13.12 0.20 -0.38
CA HIS G 178 12.36 -0.92 -0.91
C HIS G 178 10.87 -0.64 -0.88
N TRP G 179 10.15 -1.32 -1.77
CA TRP G 179 8.69 -1.25 -1.80
C TRP G 179 8.13 -2.55 -2.35
N GLU G 180 7.02 -2.98 -1.76
CA GLU G 180 6.32 -4.19 -2.16
C GLU G 180 4.84 -3.95 -1.95
N PHE G 181 4.04 -4.71 -2.68
CA PHE G 181 2.60 -4.69 -2.45
C PHE G 181 2.35 -5.47 -1.18
N ASP G 182 1.77 -4.83 -0.18
CA ASP G 182 1.60 -5.43 1.15
C ASP G 182 0.17 -5.95 1.24
N ALA G 183 0.04 -7.25 1.00
CA ALA G 183 -1.20 -8.01 1.10
C ALA G 183 -0.88 -9.46 0.76
N MET H 4 29.43 9.00 -8.90
CA MET H 4 30.54 8.63 -9.78
C MET H 4 31.85 8.64 -9.00
N GLY H 5 32.88 8.03 -9.57
CA GLY H 5 34.20 7.99 -8.93
C GLY H 5 34.86 9.35 -8.81
N ASP H 6 34.27 10.39 -9.39
CA ASP H 6 34.81 11.73 -9.28
C ASP H 6 34.71 12.22 -7.84
N THR H 7 35.83 12.67 -7.28
CA THR H 7 35.90 13.09 -5.89
C THR H 7 36.49 14.48 -5.68
N ARG H 8 36.81 15.21 -6.75
CA ARG H 8 37.39 16.53 -6.58
C ARG H 8 36.35 17.50 -6.02
N PRO H 9 36.78 18.58 -5.36
CA PRO H 9 35.84 19.44 -4.64
C PRO H 9 34.82 20.08 -5.57
N ARG H 10 33.66 20.38 -5.01
CA ARG H 10 32.59 21.06 -5.71
C ARG H 10 32.40 22.46 -5.13
N PHE H 11 31.96 23.37 -5.99
CA PHE H 11 31.71 24.76 -5.61
C PHE H 11 30.37 25.19 -6.18
N LEU H 12 29.46 25.63 -5.31
CA LEU H 12 28.07 25.88 -5.68
C LEU H 12 27.71 27.35 -5.46
N TRP H 13 26.92 27.89 -6.38
CA TRP H 13 26.41 29.25 -6.30
C TRP H 13 24.92 29.22 -6.66
N GLN H 14 24.07 29.63 -5.73
CA GLN H 14 22.63 29.70 -5.92
C GLN H 14 22.15 31.13 -5.80
N LEU H 15 21.09 31.44 -6.55
CA LEU H 15 20.51 32.78 -6.57
C LEU H 15 19.00 32.63 -6.51
N LYS H 16 18.38 33.23 -5.50
CA LYS H 16 16.94 33.04 -5.26
C LYS H 16 16.24 34.40 -5.22
N PHE H 17 15.23 34.56 -6.06
CA PHE H 17 14.35 35.74 -6.04
C PHE H 17 13.01 35.31 -5.47
N GLU H 18 12.80 35.57 -4.19
CA GLU H 18 11.58 35.20 -3.49
C GLU H 18 10.62 36.39 -3.49
N CYS H 19 9.44 36.20 -4.08
CA CYS H 19 8.36 37.18 -4.02
C CYS H 19 7.32 36.68 -3.03
N HIS H 20 7.19 37.38 -1.91
CA HIS H 20 6.26 37.02 -0.85
C HIS H 20 5.02 37.89 -0.97
N PHE H 21 3.87 37.25 -1.19
CA PHE H 21 2.60 37.92 -1.38
C PHE H 21 1.70 37.67 -0.18
N PHE H 22 1.13 38.75 0.36
CA PHE H 22 0.23 38.70 1.51
C PHE H 22 -1.07 39.39 1.09
N ASN H 23 -2.17 38.64 1.17
CA ASN H 23 -3.49 39.08 0.72
C ASN H 23 -3.45 39.51 -0.75
N GLY H 24 -3.08 38.56 -1.60
CA GLY H 24 -2.91 38.88 -3.01
C GLY H 24 -1.73 39.79 -3.23
N THR H 25 -1.93 40.81 -4.06
CA THR H 25 -0.89 41.80 -4.33
C THR H 25 -0.95 42.98 -3.36
N GLU H 26 -1.70 42.86 -2.26
CA GLU H 26 -1.81 43.98 -1.33
C GLU H 26 -0.49 44.25 -0.63
N ARG H 27 0.12 43.21 -0.04
CA ARG H 27 1.44 43.33 0.54
C ARG H 27 2.41 42.46 -0.24
N VAL H 28 3.52 43.03 -0.68
CA VAL H 28 4.52 42.30 -1.46
C VAL H 28 5.90 42.61 -0.92
N ARG H 29 6.72 41.56 -0.79
CA ARG H 29 8.07 41.68 -0.26
C ARG H 29 9.03 40.89 -1.14
N LEU H 30 10.14 41.51 -1.52
CA LEU H 30 11.11 40.89 -2.41
C LEU H 30 12.37 40.54 -1.65
N LEU H 31 12.91 39.35 -1.90
CA LEU H 31 14.16 38.89 -1.30
C LEU H 31 15.05 38.30 -2.38
N GLU H 32 16.14 38.99 -2.70
CA GLU H 32 17.19 38.46 -3.54
C GLU H 32 18.28 37.89 -2.64
N ARG H 33 18.55 36.59 -2.77
CA ARG H 33 19.45 35.89 -1.87
C ARG H 33 20.56 35.24 -2.68
N CYS H 34 21.81 35.46 -2.26
CA CYS H 34 22.98 34.83 -2.86
C CYS H 34 23.53 33.79 -1.89
N ILE H 35 23.67 32.56 -2.37
CA ILE H 35 24.10 31.43 -1.54
C ILE H 35 25.36 30.84 -2.16
N TYR H 36 26.41 30.70 -1.35
CA TYR H 36 27.64 30.05 -1.77
C TYR H 36 27.87 28.83 -0.88
N ASN H 37 27.83 27.64 -1.48
CA ASN H 37 28.01 26.38 -0.77
C ASN H 37 27.06 26.26 0.41
N GLN H 38 25.76 26.45 0.13
CA GLN H 38 24.70 26.29 1.12
C GLN H 38 24.80 27.31 2.26
N GLU H 39 25.32 28.51 1.98
CA GLU H 39 25.42 29.55 2.99
C GLU H 39 25.11 30.90 2.34
N GLU H 40 24.01 31.52 2.78
CA GLU H 40 23.64 32.83 2.26
C GLU H 40 24.66 33.87 2.66
N SER H 41 25.15 34.63 1.68
CA SER H 41 26.20 35.62 1.91
C SER H 41 25.74 37.06 1.79
N VAL H 42 24.79 37.35 0.90
CA VAL H 42 24.33 38.71 0.69
C VAL H 42 22.90 38.67 0.18
N ARG H 43 22.08 39.60 0.65
CA ARG H 43 20.67 39.64 0.28
C ARG H 43 20.22 41.08 0.08
N PHE H 44 19.31 41.26 -0.88
CA PHE H 44 18.53 42.48 -1.00
C PHE H 44 17.13 42.22 -0.48
N ASP H 45 16.67 43.08 0.43
CA ASP H 45 15.34 42.97 1.03
C ASP H 45 14.57 44.24 0.71
N SER H 46 13.41 44.08 0.08
CA SER H 46 12.62 45.25 -0.31
C SER H 46 12.16 46.05 0.90
N ASP H 47 11.97 45.40 2.04
CA ASP H 47 11.64 46.12 3.27
C ASP H 47 12.81 46.95 3.77
N VAL H 48 14.04 46.51 3.51
CA VAL H 48 15.21 47.27 3.92
C VAL H 48 15.55 48.33 2.88
N GLY H 49 15.56 47.95 1.60
CA GLY H 49 15.78 48.88 0.52
C GLY H 49 17.17 48.88 -0.07
N GLU H 50 18.09 48.07 0.46
CA GLU H 50 19.46 48.03 -0.03
C GLU H 50 20.03 46.64 0.22
N TYR H 51 21.21 46.40 -0.32
CA TYR H 51 21.88 45.13 -0.12
C TYR H 51 22.53 45.07 1.26
N ARG H 52 22.56 43.86 1.83
CA ARG H 52 23.09 43.63 3.16
C ARG H 52 23.88 42.33 3.16
N ALA H 53 25.05 42.37 3.79
CA ALA H 53 25.88 41.19 3.92
C ALA H 53 25.32 40.27 4.99
N VAL H 54 25.18 38.99 4.64
CA VAL H 54 24.78 37.98 5.62
C VAL H 54 26.00 37.37 6.30
N THR H 55 27.08 37.16 5.53
CA THR H 55 28.36 36.72 6.05
C THR H 55 29.43 37.69 5.57
N GLU H 56 30.66 37.51 6.07
CA GLU H 56 31.75 38.36 5.61
C GLU H 56 32.01 38.18 4.12
N LEU H 57 31.80 36.97 3.60
CA LEU H 57 32.06 36.70 2.19
C LEU H 57 31.24 37.60 1.28
N GLY H 58 29.99 37.86 1.65
CA GLY H 58 29.14 38.76 0.90
C GLY H 58 29.30 40.22 1.25
N ARG H 59 30.19 40.56 2.17
CA ARG H 59 30.40 41.95 2.54
C ARG H 59 30.86 42.83 1.38
N PRO H 60 31.80 42.39 0.52
CA PRO H 60 32.16 43.25 -0.61
C PRO H 60 31.01 43.50 -1.58
N ASP H 61 30.31 42.43 -2.00
CA ASP H 61 29.22 42.58 -2.97
C ASP H 61 28.19 43.60 -2.50
N ALA H 62 27.77 43.51 -1.25
CA ALA H 62 26.82 44.46 -0.69
C ALA H 62 27.31 45.89 -0.87
N GLU H 63 28.60 46.13 -0.65
CA GLU H 63 29.15 47.47 -0.84
C GLU H 63 29.15 47.85 -2.32
N TYR H 64 29.47 46.90 -3.21
CA TYR H 64 29.55 47.23 -4.63
C TYR H 64 28.16 47.48 -5.20
N TRP H 65 27.24 46.54 -5.00
CA TRP H 65 25.90 46.67 -5.58
C TRP H 65 25.15 47.86 -5.01
N ASN H 66 25.41 48.22 -3.74
CA ASN H 66 24.77 49.41 -3.18
C ASN H 66 25.31 50.69 -3.80
N SER H 67 26.52 50.67 -4.36
CA SER H 67 27.06 51.86 -5.01
C SER H 67 26.44 52.11 -6.38
N GLN H 68 25.68 51.15 -6.91
CA GLN H 68 25.03 51.28 -8.22
C GLN H 68 23.57 51.67 -7.96
N LYS H 69 23.31 52.98 -7.97
CA LYS H 69 21.99 53.46 -7.61
C LYS H 69 20.93 53.08 -8.64
N ASP H 70 21.31 52.95 -9.92
CA ASP H 70 20.37 52.47 -10.92
C ASP H 70 19.87 51.07 -10.57
N LEU H 71 20.78 50.18 -10.17
CA LEU H 71 20.38 48.84 -9.75
C LEU H 71 19.47 48.89 -8.54
N LEU H 72 19.74 49.81 -7.60
CA LEU H 72 18.90 49.91 -6.41
C LEU H 72 17.49 50.38 -6.78
N GLU H 73 17.38 51.35 -7.68
CA GLU H 73 16.06 51.78 -8.14
C GLU H 73 15.32 50.65 -8.82
N GLN H 74 16.01 49.89 -9.68
CA GLN H 74 15.37 48.76 -10.36
C GLN H 74 14.92 47.72 -9.36
N ARG H 75 15.74 47.43 -8.35
CA ARG H 75 15.37 46.42 -7.36
C ARG H 75 14.19 46.88 -6.51
N ARG H 76 14.15 48.16 -6.14
CA ARG H 76 13.03 48.66 -5.35
C ARG H 76 11.75 48.72 -6.18
N ALA H 77 11.87 48.92 -7.49
CA ALA H 77 10.70 48.89 -8.36
C ALA H 77 10.29 47.49 -8.77
N ALA H 78 11.15 46.48 -8.55
CA ALA H 78 10.80 45.11 -8.88
C ALA H 78 9.61 44.61 -8.08
N VAL H 79 9.30 45.23 -6.94
CA VAL H 79 8.11 44.86 -6.17
C VAL H 79 6.86 45.01 -7.04
N ASP H 80 6.87 45.97 -7.96
CA ASP H 80 5.79 46.15 -8.93
C ASP H 80 6.09 45.51 -10.28
N THR H 81 7.26 45.80 -10.86
CA THR H 81 7.56 45.37 -12.22
C THR H 81 7.86 43.88 -12.32
N TYR H 82 8.21 43.22 -11.21
CA TYR H 82 8.62 41.82 -11.25
C TYR H 82 7.68 40.93 -10.44
N CYS H 83 7.48 41.22 -9.15
CA CYS H 83 6.68 40.33 -8.31
C CYS H 83 5.21 40.38 -8.70
N ARG H 84 4.61 41.58 -8.65
CA ARG H 84 3.19 41.70 -8.97
C ARG H 84 2.90 41.34 -10.42
N HIS H 85 3.84 41.62 -11.32
CA HIS H 85 3.66 41.24 -12.72
C HIS H 85 3.50 39.72 -12.87
N ASN H 86 4.44 38.96 -12.30
CA ASN H 86 4.36 37.51 -12.37
C ASN H 86 3.14 36.98 -11.64
N TYR H 87 2.77 37.62 -10.51
CA TYR H 87 1.57 37.20 -9.80
C TYR H 87 0.34 37.35 -10.68
N GLY H 88 0.23 38.46 -11.40
CA GLY H 88 -0.89 38.63 -12.31
C GLY H 88 -0.85 37.67 -13.47
N VAL H 89 0.35 37.37 -13.97
CA VAL H 89 0.47 36.48 -15.13
C VAL H 89 0.05 35.06 -14.76
N GLY H 90 0.48 34.57 -13.59
CA GLY H 90 0.23 33.21 -13.20
C GLY H 90 -0.94 32.98 -12.25
N GLU H 91 -1.67 34.03 -11.89
CA GLU H 91 -2.74 33.88 -10.91
C GLU H 91 -3.81 32.89 -11.37
N SER H 92 -4.12 32.90 -12.67
CA SER H 92 -5.24 32.11 -13.17
C SER H 92 -5.00 30.61 -13.04
N PHE H 93 -3.75 30.16 -13.08
CA PHE H 93 -3.46 28.73 -13.04
C PHE H 93 -2.65 28.29 -11.83
N THR H 94 -2.32 29.22 -10.91
CA THR H 94 -1.60 28.85 -9.69
C THR H 94 -2.43 29.16 -8.45
N VAL H 95 -2.69 30.44 -8.17
CA VAL H 95 -3.48 30.79 -6.99
C VAL H 95 -4.90 30.23 -7.11
N GLN H 96 -5.49 30.32 -8.29
CA GLN H 96 -6.86 29.88 -8.52
C GLN H 96 -6.96 28.44 -8.99
N ARG H 97 -5.88 27.67 -8.89
CA ARG H 97 -5.91 26.27 -9.28
C ARG H 97 -6.65 25.45 -8.21
N ARG H 98 -7.62 24.66 -8.65
CA ARG H 98 -8.39 23.79 -7.77
C ARG H 98 -8.43 22.40 -8.40
N VAL H 99 -7.97 21.39 -7.65
CA VAL H 99 -8.05 20.00 -8.07
C VAL H 99 -8.71 19.21 -6.95
N GLU H 100 -9.73 18.42 -7.30
CA GLU H 100 -10.53 17.69 -6.33
C GLU H 100 -9.90 16.32 -6.06
N PRO H 101 -9.80 15.93 -4.80
CA PRO H 101 -9.16 14.66 -4.45
C PRO H 101 -10.11 13.48 -4.56
N LYS H 102 -9.51 12.31 -4.77
CA LYS H 102 -10.18 11.04 -4.58
C LYS H 102 -10.05 10.64 -3.12
N VAL H 103 -11.16 10.21 -2.53
CA VAL H 103 -11.23 9.87 -1.11
C VAL H 103 -11.66 8.42 -1.00
N THR H 104 -10.84 7.61 -0.32
CA THR H 104 -11.18 6.23 -0.03
C THR H 104 -11.08 5.98 1.47
N VAL H 105 -11.82 4.99 1.96
CA VAL H 105 -11.80 4.61 3.37
C VAL H 105 -11.59 3.11 3.46
N TYR H 106 -10.54 2.70 4.15
CA TYR H 106 -10.25 1.28 4.26
C TYR H 106 -9.71 0.96 5.64
N PRO H 107 -9.93 -0.27 6.12
CA PRO H 107 -9.33 -0.68 7.39
C PRO H 107 -7.85 -0.97 7.21
N SER H 108 -7.07 -0.67 8.25
CA SER H 108 -5.64 -0.87 8.17
C SER H 108 -5.32 -2.35 8.23
N LYS H 109 -4.13 -2.70 7.74
CA LYS H 109 -3.64 -4.07 7.81
C LYS H 109 -3.55 -4.51 9.26
N THR H 110 -4.12 -5.68 9.55
CA THR H 110 -4.14 -6.18 10.92
C THR H 110 -2.73 -6.49 11.40
N GLN H 111 -2.09 -5.53 12.07
CA GLN H 111 -0.75 -5.70 12.63
C GLN H 111 -0.76 -5.21 14.07
N PRO H 112 -1.41 -5.94 14.98
CA PRO H 112 -1.38 -5.54 16.39
C PRO H 112 0.03 -5.48 16.96
N LEU H 113 0.95 -6.29 16.44
CA LEU H 113 2.37 -6.19 16.77
C LEU H 113 2.99 -4.88 16.31
N GLN H 114 2.29 -4.10 15.47
CA GLN H 114 2.83 -2.88 14.90
C GLN H 114 2.04 -1.64 15.25
N HIS H 115 0.74 -1.77 15.51
CA HIS H 115 -0.11 -0.63 15.81
C HIS H 115 -1.46 -1.16 16.30
N HIS H 116 -2.24 -0.27 16.91
CA HIS H 116 -3.62 -0.60 17.24
C HIS H 116 -4.46 -0.64 15.97
N ASN H 117 -5.72 -1.04 16.10
CA ASN H 117 -6.59 -1.09 14.93
C ASN H 117 -6.89 0.33 14.46
N LEU H 118 -6.63 0.58 13.17
CA LEU H 118 -6.78 1.89 12.58
C LEU H 118 -7.74 1.84 11.40
N LEU H 119 -8.52 2.91 11.23
CA LEU H 119 -9.36 3.09 10.06
C LEU H 119 -8.81 4.27 9.27
N VAL H 120 -8.41 4.01 8.02
CA VAL H 120 -7.67 4.98 7.21
C VAL H 120 -8.62 5.67 6.25
N CYS H 121 -8.46 6.99 6.12
CA CYS H 121 -9.09 7.78 5.07
C CYS H 121 -7.97 8.38 4.23
N SER H 122 -7.88 7.91 2.98
CA SER H 122 -6.88 8.38 2.04
C SER H 122 -7.50 9.46 1.16
N VAL H 123 -6.88 10.64 1.16
CA VAL H 123 -7.30 11.77 0.35
C VAL H 123 -6.14 12.10 -0.57
N SER H 124 -6.26 11.74 -1.85
CA SER H 124 -5.15 11.88 -2.78
C SER H 124 -5.55 12.71 -3.99
N GLY H 125 -4.60 13.49 -4.50
CA GLY H 125 -4.82 14.24 -5.73
C GLY H 125 -5.58 15.54 -5.58
N PHE H 126 -5.30 16.32 -4.54
CA PHE H 126 -5.96 17.60 -4.33
C PHE H 126 -4.99 18.76 -4.40
N TYR H 127 -5.53 19.95 -4.67
CA TYR H 127 -4.79 21.19 -4.72
C TYR H 127 -5.80 22.33 -4.55
N PRO H 128 -5.52 23.35 -3.74
CA PRO H 128 -4.29 23.57 -2.96
C PRO H 128 -4.18 22.69 -1.71
N GLY H 129 -3.27 23.08 -0.81
CA GLY H 129 -2.93 22.25 0.32
C GLY H 129 -3.85 22.36 1.53
N SER H 130 -4.54 23.48 1.66
CA SER H 130 -5.46 23.65 2.78
C SER H 130 -6.61 22.66 2.66
N ILE H 131 -6.84 21.89 3.72
CA ILE H 131 -7.82 20.82 3.71
C ILE H 131 -8.13 20.47 5.16
N GLU H 132 -9.35 19.99 5.40
CA GLU H 132 -9.75 19.57 6.74
C GLU H 132 -10.46 18.22 6.64
N VAL H 133 -10.01 17.25 7.43
CA VAL H 133 -10.58 15.91 7.41
C VAL H 133 -11.19 15.63 8.77
N ARG H 134 -12.43 15.13 8.77
CA ARG H 134 -13.15 14.83 9.99
C ARG H 134 -13.74 13.43 9.91
N TRP H 135 -13.84 12.78 11.07
CA TRP H 135 -14.36 11.43 11.18
C TRP H 135 -15.70 11.45 11.91
N PHE H 136 -16.59 10.55 11.49
CA PHE H 136 -17.90 10.40 12.11
C PHE H 136 -18.17 8.93 12.39
N ARG H 137 -18.70 8.64 13.58
CA ARG H 137 -19.19 7.33 13.95
C ARG H 137 -20.70 7.44 14.12
N ASN H 138 -21.44 6.69 13.29
CA ASN H 138 -22.91 6.68 13.31
C ASN H 138 -23.48 8.09 13.29
N GLY H 139 -22.82 8.98 12.56
CA GLY H 139 -23.32 10.33 12.37
C GLY H 139 -22.88 11.34 13.42
N GLN H 140 -22.05 10.95 14.38
CA GLN H 140 -21.54 11.87 15.39
C GLN H 140 -20.04 11.98 15.22
N GLU H 141 -19.52 13.21 15.23
CA GLU H 141 -18.09 13.41 14.98
C GLU H 141 -17.26 12.78 16.09
N GLU H 142 -16.19 12.10 15.69
CA GLU H 142 -15.19 11.56 16.59
C GLU H 142 -13.95 12.44 16.51
N LYS H 143 -13.61 13.12 17.60
CA LYS H 143 -12.48 14.01 17.63
C LYS H 143 -11.25 13.40 18.30
N ALA H 144 -11.42 12.28 19.02
CA ALA H 144 -10.34 11.65 19.75
C ALA H 144 -9.72 10.54 18.91
N GLY H 145 -8.39 10.40 19.00
CA GLY H 145 -7.70 9.34 18.31
C GLY H 145 -7.54 9.53 16.83
N VAL H 146 -7.40 10.76 16.36
CA VAL H 146 -7.21 11.06 14.94
C VAL H 146 -5.74 11.39 14.72
N VAL H 147 -5.11 10.67 13.79
CA VAL H 147 -3.70 10.83 13.49
C VAL H 147 -3.53 11.09 12.00
N SER H 148 -2.80 12.16 11.66
CA SER H 148 -2.61 12.54 10.27
C SER H 148 -1.14 12.43 9.90
N THR H 149 -0.89 12.05 8.65
CA THR H 149 0.46 12.05 8.11
C THR H 149 0.90 13.43 7.66
N GLY H 150 0.05 14.43 7.76
CA GLY H 150 0.36 15.75 7.26
C GLY H 150 0.26 15.79 5.75
N LEU H 151 0.58 16.96 5.20
CA LEU H 151 0.52 17.16 3.75
C LEU H 151 1.73 16.53 3.09
N ILE H 152 1.48 15.65 2.13
CA ILE H 152 2.53 15.04 1.31
C ILE H 152 2.46 15.69 -0.07
N GLN H 153 3.59 16.22 -0.54
CA GLN H 153 3.65 16.92 -1.81
C GLN H 153 4.16 15.94 -2.88
N ASN H 154 3.29 15.60 -3.83
CA ASN H 154 3.64 14.64 -4.87
C ASN H 154 4.61 15.21 -5.90
N GLY H 155 4.80 16.53 -5.93
CA GLY H 155 5.69 17.14 -6.90
C GLY H 155 5.08 17.42 -8.24
N ASP H 156 3.79 17.16 -8.42
CA ASP H 156 3.09 17.40 -9.68
C ASP H 156 1.86 18.27 -9.44
N TRP H 157 1.97 19.23 -8.53
CA TRP H 157 0.87 20.13 -8.18
C TRP H 157 -0.33 19.36 -7.63
N THR H 158 -0.05 18.28 -6.90
CA THR H 158 -1.07 17.55 -6.16
C THR H 158 -0.51 17.14 -4.81
N PHE H 159 -1.41 17.02 -3.83
CA PHE H 159 -1.08 16.58 -2.48
C PHE H 159 -1.81 15.28 -2.17
N GLN H 160 -1.29 14.55 -1.19
CA GLN H 160 -2.00 13.41 -0.63
C GLN H 160 -1.83 13.42 0.88
N THR H 161 -2.79 12.79 1.56
CA THR H 161 -2.79 12.71 3.01
C THR H 161 -3.52 11.44 3.43
N LEU H 162 -3.02 10.83 4.50
CA LEU H 162 -3.72 9.77 5.20
C LEU H 162 -4.17 10.32 6.55
N VAL H 163 -5.45 10.16 6.87
CA VAL H 163 -5.98 10.53 8.17
C VAL H 163 -6.64 9.30 8.77
N MET H 164 -6.10 8.83 9.88
CA MET H 164 -6.49 7.57 10.48
C MET H 164 -7.19 7.80 11.81
N LEU H 165 -8.06 6.88 12.15
CA LEU H 165 -8.80 6.89 13.40
C LEU H 165 -8.45 5.63 14.19
N GLU H 166 -7.89 5.82 15.38
CA GLU H 166 -7.64 4.72 16.30
C GLU H 166 -8.98 4.34 16.91
N THR H 167 -9.55 3.23 16.46
CA THR H 167 -10.88 2.83 16.91
C THR H 167 -11.02 1.32 16.80
N VAL H 168 -11.96 0.78 17.57
CA VAL H 168 -12.31 -0.63 17.48
C VAL H 168 -13.72 -0.72 16.88
N PRO H 169 -13.84 -0.95 15.58
CA PRO H 169 -15.17 -0.92 14.95
C PRO H 169 -16.04 -2.07 15.42
N ARG H 170 -17.29 -1.76 15.74
CA ARG H 170 -18.30 -2.75 16.07
C ARG H 170 -19.14 -3.08 14.83
N SER H 171 -19.65 -4.30 14.79
CA SER H 171 -20.49 -4.72 13.68
C SER H 171 -21.79 -3.92 13.68
N GLY H 172 -22.06 -3.24 12.56
CA GLY H 172 -23.23 -2.40 12.41
C GLY H 172 -22.92 -0.92 12.39
N GLU H 173 -21.83 -0.52 13.03
CA GLU H 173 -21.44 0.89 13.04
C GLU H 173 -21.05 1.35 11.64
N VAL H 174 -21.30 2.63 11.36
CA VAL H 174 -21.00 3.24 10.07
C VAL H 174 -20.07 4.41 10.31
N TYR H 175 -18.86 4.33 9.76
CA TYR H 175 -17.90 5.41 9.86
C TYR H 175 -17.95 6.25 8.58
N THR H 176 -17.72 7.55 8.74
CA THR H 176 -17.83 8.50 7.63
C THR H 176 -16.63 9.43 7.66
N CYS H 177 -15.84 9.42 6.59
CA CYS H 177 -14.78 10.39 6.39
C CYS H 177 -15.34 11.57 5.62
N GLN H 178 -15.12 12.78 6.13
CA GLN H 178 -15.57 14.01 5.51
C GLN H 178 -14.36 14.88 5.20
N VAL H 179 -14.29 15.37 3.96
CA VAL H 179 -13.15 16.13 3.46
C VAL H 179 -13.66 17.50 3.03
N GLU H 180 -13.25 18.54 3.75
CA GLU H 180 -13.52 19.93 3.39
C GLU H 180 -12.32 20.47 2.63
N HIS H 181 -12.54 20.86 1.38
CA HIS H 181 -11.49 21.34 0.49
C HIS H 181 -12.09 22.38 -0.46
N PRO H 182 -11.35 23.44 -0.80
CA PRO H 182 -11.93 24.50 -1.64
C PRO H 182 -12.33 24.05 -3.03
N SER H 183 -12.01 22.83 -3.44
CA SER H 183 -12.39 22.33 -4.75
C SER H 183 -13.84 21.87 -4.81
N VAL H 184 -14.52 21.77 -3.67
CA VAL H 184 -15.89 21.28 -3.61
C VAL H 184 -16.71 22.23 -2.74
N THR H 185 -17.91 22.58 -3.22
CA THR H 185 -18.75 23.51 -2.47
C THR H 185 -19.40 22.84 -1.27
N SER H 186 -19.57 21.52 -1.31
CA SER H 186 -19.98 20.75 -0.16
C SER H 186 -18.91 19.71 0.15
N PRO H 187 -18.58 19.50 1.42
CA PRO H 187 -17.51 18.55 1.75
C PRO H 187 -17.81 17.16 1.21
N LEU H 188 -16.77 16.47 0.74
CA LEU H 188 -16.91 15.11 0.27
C LEU H 188 -17.11 14.17 1.45
N THR H 189 -17.94 13.14 1.26
CA THR H 189 -18.15 12.15 2.30
C THR H 189 -18.00 10.76 1.71
N VAL H 190 -17.29 9.90 2.43
CA VAL H 190 -17.14 8.50 2.06
C VAL H 190 -17.45 7.65 3.29
N GLU H 191 -18.33 6.66 3.12
CA GLU H 191 -18.80 5.84 4.22
C GLU H 191 -18.18 4.45 4.16
N TRP H 192 -17.90 3.90 5.35
CA TRP H 192 -17.40 2.54 5.51
C TRP H 192 -18.26 1.86 6.56
N ARG H 193 -18.96 0.80 6.15
CA ARG H 193 -19.81 0.05 7.07
C ARG H 193 -19.02 -1.13 7.60
N ALA H 194 -18.89 -1.20 8.93
CA ALA H 194 -18.15 -2.28 9.57
C ALA H 194 -18.94 -3.58 9.56
N THR I 1 1.32 38.69 -20.02
CA THR I 1 1.02 37.28 -20.20
C THR I 1 2.33 36.47 -20.24
N GLN I 2 3.46 37.19 -20.29
CA GLN I 2 4.77 36.58 -20.29
C GLN I 2 5.41 36.78 -18.92
N LEU I 3 5.87 35.68 -18.32
CA LEU I 3 6.58 35.76 -17.05
C LEU I 3 7.92 36.46 -17.23
N LYS I 4 8.19 37.44 -16.37
CA LYS I 4 9.43 38.21 -16.43
C LYS I 4 10.49 37.59 -15.54
N ARG I 5 11.73 37.60 -16.01
CA ARG I 5 12.87 37.13 -15.24
C ARG I 5 13.55 38.30 -14.54
N ALA I 6 14.12 38.01 -13.37
CA ALA I 6 14.92 38.99 -12.65
C ALA I 6 16.36 38.93 -13.14
N LEU I 7 16.95 40.11 -13.35
CA LEU I 7 18.29 40.22 -13.91
C LEU I 7 19.33 40.12 -12.80
N THR I 8 20.32 39.25 -13.00
CA THR I 8 21.39 39.07 -12.03
C THR I 8 22.62 39.86 -12.45
N GLY I 9 23.24 40.54 -11.50
CA GLY I 9 24.41 41.34 -11.75
C GLY I 9 25.70 40.62 -11.41
N ILE I 10 26.80 41.18 -11.90
CA ILE I 10 28.12 40.61 -11.67
C ILE I 10 28.63 41.06 -10.31
N ALA I 11 29.34 40.15 -9.62
CA ALA I 11 29.90 40.46 -8.32
C ALA I 11 31.18 41.28 -8.47
N VAL I 12 31.69 41.79 -7.36
CA VAL I 12 32.93 42.56 -7.35
C VAL I 12 34.10 41.60 -7.46
N GLU I 13 35.05 41.93 -8.32
CA GLU I 13 36.18 41.03 -8.62
C GLU I 13 37.45 41.49 -7.89
N GLN I 14 37.34 41.63 -6.58
CA GLN I 14 38.50 41.96 -5.76
C GLN I 14 38.25 41.68 -4.29
N ASP I 15 38.30 40.42 -3.89
CA ASP I 15 38.08 39.99 -2.51
C ASP I 15 36.87 40.68 -1.89
C1 EDO J . 13.56 -2.46 -18.44
O1 EDO J . 12.41 -1.96 -17.74
C2 EDO J . 13.52 -1.92 -19.87
O2 EDO J . 12.27 -2.25 -20.46
C1 EDO K . -15.98 -16.70 -27.11
O1 EDO K . -15.39 -17.98 -27.35
C2 EDO K . -16.31 -16.55 -25.63
O2 EDO K . -15.09 -16.58 -24.87
C1 EDO L . 12.14 6.52 -21.30
O1 EDO L . 12.72 7.69 -20.70
C2 EDO L . 11.26 6.94 -22.46
O2 EDO L . 12.05 7.64 -23.43
S SO4 M . -15.90 -10.52 -33.53
O1 SO4 M . -17.09 -10.62 -32.68
O2 SO4 M . -15.88 -9.21 -34.18
O3 SO4 M . -14.70 -10.66 -32.71
O4 SO4 M . -15.93 -11.57 -34.53
S SO4 N . 7.25 1.00 -17.26
O1 SO4 N . 6.44 0.40 -16.21
O2 SO4 N . 8.12 2.03 -16.69
O3 SO4 N . 8.07 -0.03 -17.89
O4 SO4 N . 6.38 1.63 -18.26
C1 EDO O . -4.90 -4.75 -16.44
O1 EDO O . -5.72 -5.84 -16.00
C2 EDO O . -5.77 -3.53 -16.75
O2 EDO O . -6.32 -3.01 -15.55
C1 EDO P . -30.58 -0.76 -18.48
O1 EDO P . -29.49 -1.42 -19.12
C2 EDO P . -30.72 -1.33 -17.08
O2 EDO P . -29.48 -1.20 -16.38
C1 EDO Q . -24.30 2.99 -24.74
O1 EDO Q . -23.06 3.63 -24.44
C2 EDO Q . -24.04 1.76 -25.60
O2 EDO Q . -23.19 0.86 -24.89
C1 EDO R . -20.69 18.41 -34.19
O1 EDO R . -21.72 18.44 -35.19
C2 EDO R . -20.63 19.77 -33.50
O2 EDO R . -21.66 19.88 -32.49
S SO4 S . -24.82 -24.82 -32.52
O1 SO4 S . -25.63 -26.04 -32.47
O2 SO4 S . -25.21 -23.93 -31.44
O3 SO4 S . -23.41 -25.17 -32.39
O4 SO4 S . -25.03 -24.15 -33.81
C1 EDO T . -1.98 -4.31 26.93
O1 EDO T . -2.46 -3.82 28.18
C2 EDO T . -0.52 -3.90 26.74
O2 EDO T . 0.32 -4.64 27.63
C1 EDO U . 2.70 -2.06 19.81
O1 EDO U . 2.15 -2.38 21.09
C2 EDO U . 1.58 -1.62 18.89
O2 EDO U . 0.78 -0.62 19.55
C1 EDO V . -10.20 -23.82 41.67
O1 EDO V . -9.33 -24.95 41.62
C2 EDO V . -10.03 -23.09 42.99
O2 EDO V . -8.70 -22.56 43.10
C1 EDO W . 6.24 -14.76 11.58
O1 EDO W . 6.06 -16.19 11.49
C2 EDO W . 4.93 -14.07 11.19
O2 EDO W . 5.10 -12.66 11.27
C1 EDO X . 19.75 -4.94 23.46
O1 EDO X . 21.16 -5.18 23.41
C2 EDO X . 19.46 -3.59 22.80
O2 EDO X . 19.78 -3.67 21.40
C1 EDO Y . -0.08 16.95 21.23
O1 EDO Y . 1.22 16.81 21.82
C2 EDO Y . -0.45 15.67 20.49
O2 EDO Y . 0.62 15.30 19.62
S SO4 Z . 9.74 18.87 32.32
O1 SO4 Z . 9.32 18.34 33.62
O2 SO4 Z . 9.75 20.33 32.38
O3 SO4 Z . 11.10 18.40 32.02
O4 SO4 Z . 8.83 18.42 31.28
C1 EDO AA . 9.77 26.17 -1.89
O1 EDO AA . 10.16 25.30 -2.96
C2 EDO AA . 10.83 26.16 -0.81
O2 EDO AA . 12.03 26.78 -1.29
C1 EDO BA . 26.54 9.91 -7.73
O1 EDO BA . 26.59 10.51 -9.03
C2 EDO BA . 27.49 10.65 -6.79
O2 EDO BA . 27.01 11.98 -6.57
C1 EDO CA . -9.73 24.20 3.71
O1 EDO CA . -11.15 24.39 3.71
C2 EDO CA . -9.12 24.89 4.94
O2 EDO CA . -9.69 24.31 6.12
C1 EDO DA . -15.78 11.21 -2.68
O1 EDO DA . -16.22 12.16 -3.67
C2 EDO DA . -15.07 10.04 -3.35
O2 EDO DA . -13.92 10.52 -4.05
S SO4 EA . 4.26 47.05 -1.35
O1 SO4 EA . 3.39 45.91 -1.12
O2 SO4 EA . 3.60 48.28 -0.90
O3 SO4 EA . 5.51 46.87 -0.60
O4 SO4 EA . 4.56 47.17 -2.78
S SO4 FA . -0.31 40.76 -23.15
O1 SO4 FA . -1.38 41.27 -22.29
O2 SO4 FA . 0.91 40.60 -22.37
O3 SO4 FA . -0.07 41.72 -24.23
O4 SO4 FA . -0.71 39.47 -23.70
#